data_7K7Z
#
_entry.id   7K7Z
#
_cell.length_a   194.679
_cell.length_b   70.689
_cell.length_c   111.503
_cell.angle_alpha   90.000
_cell.angle_beta   110.460
_cell.angle_gamma   90.000
#
_symmetry.space_group_name_H-M   'C 1 2 1'
#
loop_
_entity.id
_entity.type
_entity.pdbx_description
1 polymer 'Beta-adrenergic receptor kinase 1'
2 polymer 'Guanine nucleotide-binding protein G(I)/G(S)/G(T) subunit beta-1'
3 polymer 'Guanine nucleotide-binding protein G(I)/G(S)/G(O) subunit gamma-2'
4 non-polymer 3-benzyl-7-(1H-pyrazol-4-yl)quinazolin-4(3H)-one
#
loop_
_entity_poly.entity_id
_entity_poly.type
_entity_poly.pdbx_seq_one_letter_code
_entity_poly.pdbx_strand_id
1 'polypeptide(L)'
;KKILLPEPSIRSVMQKYLEDRGEVTFEKIFSQKLGYLLFRDFCLNHLEEARPLVEFYEEIKKYEKLETEEERVARSREIF
DSYIMKELLACSHPFSKSATEHVQGHLGKKQVPPDLFQPYIEEICQNLRGDVFQKFIESDKFTRFCQWKNVELNIHLTMN
DFSVHRIIGRGGFGEVYGCRKADTGKMYAMKCLDKKRIKMKQGETLALNERIMLSLVSTGDCPFIVCMSYAFHTPDKLSF
ILDLMNGGDLHYHLSQHGVFSEADMRFYAAEIILGLEHMHNRFVVYRDLKPANILLDEHGHVRISDLGLACDFSKKKPHA
SVGTHGYMAPEVLQKGVAYDSSADWFSLGCMLFKLLRGHSPFRQHKTKDKHEIDRMTLTMAVELPDSFSPELRSLLEGLL
QRDVNRRLGCLGRGAQEVKESPFFRSLDWQMVFLQKYPPPLIPPRGEVNAADAFDIGSFDEEDTKGIKLLDSDQELYRNF
PLTISERWQQEVAETVFDTINAETDRLEARKKAKNKQLGHEEDYALGKDCIMHGYMSKMGNPFLTQWQRRYFYLFPNRLE
WRGEGEAPQSLLTMEEIQSVEETQIKERKCLLLKIRGGKQFILQCDSDPELVQWKKELRDAYREAQQLVQRVPKMKNKPA
;
A
2 'polypeptide(L)'
;SELDQLRQEAEQLKNQIRDARKACADATLSQITNNIDPVGRIQMRTRRTLRGHLAKIYAMHWGTDSRLLVSASQDGKLII
WDSYTTNKVHAIPLRSSWVMTCAYAPSGNYVACGGLDNICSIYNLKTREGNVRVSRELAGHTGYLSCCRFLDDNQIVTSS
GDTTCALWDIETGQQTTTFTGHTGDVMSLSLAPDTRLFVSGACDASAKLWDVREGMCRQTFTGHESDINAICFFPNGNAF
ATGSDDATCRLFDLRADQELMTYSHDNIICGITSVSFSKSGRLLLAGYDDFNCNVWDALKADRAGVLAGHDNRVSCLGVT
DDGMAVATGSWDSFLKIWN
;
B
3 'polypeptide(L)' TASIAQARKLVEQLKMEANIDRIKVSKAAADLMAYCEAHAKEDPLLTPVPASENPFREK G
#
loop_
_chem_comp.id
_chem_comp.type
_chem_comp.name
_chem_comp.formula
W4G non-polymer 3-benzyl-7-(1H-pyrazol-4-yl)quinazolin-4(3H)-one 'C18 H14 N4 O'
#
# COMPACT_ATOMS: atom_id res chain seq x y z
N LYS A 1 1.58 6.04 29.21
CA LYS A 1 0.20 5.64 29.48
C LYS A 1 0.09 4.13 29.56
N LYS A 2 -0.25 3.51 28.43
CA LYS A 2 -0.44 2.07 28.34
C LYS A 2 -0.52 1.65 26.88
N ILE A 3 0.58 1.09 26.36
CA ILE A 3 0.68 0.73 24.95
C ILE A 3 -0.58 -0.01 24.51
N LEU A 4 -1.26 0.54 23.50
CA LEU A 4 -2.40 -0.09 22.86
C LEU A 4 -2.07 -0.36 21.41
N LEU A 5 -2.28 -1.57 20.98
CA LEU A 5 -1.93 -1.86 19.60
C LEU A 5 -3.09 -1.50 18.67
N PRO A 6 -2.79 -1.18 17.41
CA PRO A 6 -3.85 -1.00 16.42
C PRO A 6 -4.56 -2.31 16.16
N GLU A 7 -5.72 -2.22 15.53
CA GLU A 7 -6.47 -3.42 15.22
C GLU A 7 -5.86 -4.13 14.02
N PRO A 8 -6.10 -5.44 13.88
CA PRO A 8 -5.43 -6.21 12.82
C PRO A 8 -5.57 -5.59 11.44
N SER A 9 -6.62 -4.80 11.20
CA SER A 9 -6.79 -4.18 9.88
C SER A 9 -5.60 -3.31 9.49
N ILE A 10 -4.82 -2.83 10.46
CA ILE A 10 -3.64 -2.02 10.17
C ILE A 10 -2.69 -2.74 9.24
N ARG A 11 -2.79 -4.08 9.17
CA ARG A 11 -1.93 -4.84 8.28
C ARG A 11 -2.03 -4.35 6.84
N SER A 12 -3.26 -4.08 6.38
CA SER A 12 -3.47 -3.67 4.99
C SER A 12 -2.64 -2.45 4.64
N VAL A 13 -2.69 -1.41 5.48
CA VAL A 13 -1.82 -0.25 5.28
C VAL A 13 -0.36 -0.63 5.49
N MET A 14 -0.04 -1.21 6.65
CA MET A 14 1.35 -1.39 7.06
C MET A 14 2.11 -2.28 6.08
N GLN A 15 1.48 -3.36 5.62
CA GLN A 15 2.20 -4.28 4.74
C GLN A 15 2.62 -3.60 3.45
N LYS A 16 1.78 -2.69 2.93
CA LYS A 16 2.16 -1.96 1.73
C LYS A 16 3.23 -0.93 2.04
N TYR A 17 3.16 -0.31 3.21
CA TYR A 17 4.20 0.63 3.63
C TYR A 17 5.56 -0.06 3.69
N LEU A 18 5.60 -1.23 4.31
CA LEU A 18 6.86 -1.96 4.43
C LEU A 18 7.31 -2.50 3.07
N GLU A 19 6.40 -3.16 2.35
CA GLU A 19 6.73 -3.68 1.03
C GLU A 19 7.38 -2.62 0.15
N ASP A 20 6.86 -1.39 0.18
CA ASP A 20 7.44 -0.31 -0.61
C ASP A 20 8.90 -0.05 -0.25
N ARG A 21 9.30 -0.40 0.97
CA ARG A 21 10.66 -0.17 1.43
C ARG A 21 11.53 -1.41 1.36
N GLY A 22 10.98 -2.54 0.93
CA GLY A 22 11.75 -3.77 0.91
C GLY A 22 12.06 -4.35 2.26
N GLU A 23 11.32 -3.94 3.30
CA GLU A 23 11.52 -4.43 4.65
C GLU A 23 10.73 -5.71 4.94
N VAL A 24 10.07 -6.27 3.94
CA VAL A 24 9.30 -7.50 4.12
C VAL A 24 10.11 -8.68 3.62
N THR A 25 11.26 -8.93 4.25
CA THR A 25 12.13 -10.03 3.87
C THR A 25 12.53 -10.81 5.12
N PHE A 26 12.90 -12.06 4.91
CA PHE A 26 13.37 -12.89 6.03
C PHE A 26 14.54 -12.23 6.74
N GLU A 27 15.45 -11.61 6.00
CA GLU A 27 16.62 -10.98 6.60
C GLU A 27 16.22 -9.75 7.42
N LYS A 28 15.43 -8.86 6.82
CA LYS A 28 15.07 -7.62 7.52
C LYS A 28 14.17 -7.89 8.72
N ILE A 29 13.38 -8.95 8.69
CA ILE A 29 12.46 -9.25 9.78
C ILE A 29 13.10 -10.15 10.83
N PHE A 30 13.73 -11.25 10.39
CA PHE A 30 14.35 -12.17 11.34
C PHE A 30 15.37 -11.46 12.22
N SER A 31 16.17 -10.57 11.63
CA SER A 31 17.20 -9.81 12.33
C SER A 31 16.64 -8.82 13.35
N GLN A 32 15.32 -8.67 13.44
CA GLN A 32 14.70 -7.78 14.41
C GLN A 32 14.25 -8.59 15.63
N LYS A 33 14.22 -7.93 16.78
CA LYS A 33 13.86 -8.63 18.01
C LYS A 33 12.39 -9.03 17.99
N LEU A 34 11.48 -8.05 17.93
CA LEU A 34 10.06 -8.39 17.84
C LEU A 34 9.79 -9.25 16.61
N GLY A 35 10.49 -8.99 15.51
CA GLY A 35 10.40 -9.85 14.34
C GLY A 35 10.74 -11.28 14.68
N TYR A 36 11.98 -11.51 15.15
CA TYR A 36 12.39 -12.87 15.51
C TYR A 36 11.42 -13.50 16.50
N LEU A 37 11.00 -12.73 17.51
CA LEU A 37 10.11 -13.29 18.53
C LEU A 37 8.81 -13.80 17.91
N LEU A 38 8.14 -12.96 17.12
CA LEU A 38 6.88 -13.39 16.53
C LEU A 38 7.10 -14.50 15.51
N PHE A 39 8.17 -14.40 14.71
CA PHE A 39 8.48 -15.47 13.76
C PHE A 39 8.70 -16.79 14.47
N ARG A 40 9.46 -16.77 15.57
CA ARG A 40 9.67 -17.98 16.35
C ARG A 40 8.35 -18.56 16.84
N ASP A 41 7.45 -17.70 17.34
CA ASP A 41 6.14 -18.15 17.76
C ASP A 41 5.44 -18.92 16.65
N PHE A 42 5.42 -18.35 15.45
CA PHE A 42 4.74 -18.99 14.33
C PHE A 42 5.35 -20.36 14.02
N CYS A 43 6.68 -20.46 14.06
CA CYS A 43 7.31 -21.71 13.67
C CYS A 43 7.12 -22.80 14.72
N LEU A 44 7.17 -22.44 16.00
CA LEU A 44 7.11 -23.46 17.05
C LEU A 44 5.69 -23.94 17.30
N ASN A 45 4.68 -23.11 17.03
CA ASN A 45 3.32 -23.41 17.43
C ASN A 45 2.34 -23.56 16.28
N HIS A 46 2.76 -23.31 15.04
CA HIS A 46 1.79 -23.30 13.95
C HIS A 46 2.27 -23.96 12.66
N LEU A 47 3.56 -24.01 12.37
CA LEU A 47 4.09 -24.71 11.21
C LEU A 47 4.97 -25.85 11.73
N GLU A 48 4.38 -27.03 11.86
CA GLU A 48 5.11 -28.18 12.41
C GLU A 48 6.35 -28.50 11.58
N GLU A 49 6.23 -28.46 10.25
CA GLU A 49 7.34 -28.76 9.36
C GLU A 49 8.53 -27.81 9.53
N ALA A 50 8.43 -26.81 10.41
CA ALA A 50 9.55 -25.91 10.68
C ALA A 50 9.90 -25.80 12.16
N ARG A 51 9.06 -26.31 13.05
CA ARG A 51 9.36 -26.29 14.48
C ARG A 51 10.73 -26.87 14.82
N PRO A 52 11.16 -27.99 14.24
CA PRO A 52 12.48 -28.53 14.62
C PRO A 52 13.63 -27.60 14.28
N LEU A 53 13.55 -26.89 13.14
CA LEU A 53 14.65 -26.00 12.77
C LEU A 53 14.80 -24.85 13.75
N VAL A 54 13.68 -24.34 14.28
CA VAL A 54 13.77 -23.25 15.24
C VAL A 54 14.25 -23.77 16.60
N GLU A 55 13.80 -24.97 16.98
CA GLU A 55 14.34 -25.60 18.19
C GLU A 55 15.86 -25.66 18.14
N PHE A 56 16.40 -26.26 17.08
CA PHE A 56 17.84 -26.38 16.94
C PHE A 56 18.51 -25.00 16.92
N TYR A 57 17.95 -24.07 16.15
CA TYR A 57 18.52 -22.73 16.08
C TYR A 57 18.66 -22.13 17.48
N GLU A 58 17.63 -22.25 18.30
CA GLU A 58 17.67 -21.65 19.64
C GLU A 58 18.63 -22.40 20.55
N GLU A 59 18.74 -23.73 20.41
CA GLU A 59 19.72 -24.45 21.21
C GLU A 59 21.14 -24.04 20.85
N ILE A 60 21.37 -23.65 19.60
CA ILE A 60 22.68 -23.14 19.22
C ILE A 60 22.89 -21.75 19.80
N LYS A 61 21.85 -20.92 19.82
CA LYS A 61 21.96 -19.59 20.41
C LYS A 61 22.23 -19.68 21.91
N LYS A 62 21.63 -20.67 22.58
CA LYS A 62 21.94 -20.89 23.99
C LYS A 62 23.39 -21.33 24.16
N TYR A 63 23.84 -22.26 23.32
CA TYR A 63 25.21 -22.74 23.41
C TYR A 63 26.20 -21.60 23.19
N GLU A 64 25.90 -20.70 22.25
CA GLU A 64 26.84 -19.63 21.91
C GLU A 64 27.19 -18.79 23.11
N LYS A 65 26.25 -18.60 24.04
CA LYS A 65 26.46 -17.73 25.20
C LYS A 65 27.16 -18.42 26.35
N LEU A 66 27.31 -19.75 26.31
CA LEU A 66 28.02 -20.45 27.36
C LEU A 66 29.44 -19.90 27.49
N GLU A 67 29.78 -19.43 28.69
CA GLU A 67 31.06 -18.77 28.90
C GLU A 67 32.17 -19.79 29.15
N THR A 68 31.98 -20.69 30.11
CA THR A 68 32.98 -21.69 30.43
C THR A 68 33.12 -22.70 29.30
N GLU A 69 34.36 -22.89 28.83
CA GLU A 69 34.59 -23.91 27.80
C GLU A 69 34.10 -25.28 28.28
N GLU A 70 34.28 -25.58 29.56
CA GLU A 70 33.78 -26.84 30.10
C GLU A 70 32.28 -26.99 29.88
N GLU A 71 31.54 -25.87 29.92
CA GLU A 71 30.14 -25.91 29.53
C GLU A 71 30.00 -26.23 28.05
N ARG A 72 30.79 -25.57 27.21
CA ARG A 72 30.65 -25.72 25.77
C ARG A 72 31.01 -27.14 25.32
N VAL A 73 31.95 -27.80 26.00
CA VAL A 73 32.26 -29.19 25.65
C VAL A 73 31.12 -30.11 26.09
N ALA A 74 30.45 -29.76 27.20
CA ALA A 74 29.34 -30.58 27.67
C ALA A 74 28.09 -30.37 26.82
N ARG A 75 27.82 -29.13 26.41
CA ARG A 75 26.62 -28.84 25.64
C ARG A 75 26.77 -29.28 24.18
N SER A 76 27.94 -29.06 23.59
CA SER A 76 28.17 -29.55 22.23
C SER A 76 28.00 -31.05 22.12
N ARG A 77 28.15 -31.77 23.24
CA ARG A 77 27.87 -33.20 23.25
C ARG A 77 26.37 -33.45 23.22
N GLU A 78 25.65 -32.89 24.21
CA GLU A 78 24.20 -33.09 24.28
C GLU A 78 23.53 -32.65 22.99
N ILE A 79 24.02 -31.58 22.37
CA ILE A 79 23.37 -31.04 21.18
C ILE A 79 23.62 -31.95 19.98
N PHE A 80 24.87 -32.39 19.79
CA PHE A 80 25.22 -33.10 18.57
C PHE A 80 24.43 -34.39 18.40
N ASP A 81 24.07 -35.05 19.50
CA ASP A 81 23.30 -36.29 19.44
C ASP A 81 21.94 -36.13 20.11
N SER A 82 21.38 -34.92 20.06
CA SER A 82 20.07 -34.67 20.66
C SER A 82 18.96 -35.20 19.77
N TYR A 83 17.73 -35.16 20.30
CA TYR A 83 16.57 -35.54 19.51
C TYR A 83 16.26 -34.53 18.42
N ILE A 84 16.71 -33.28 18.58
CA ILE A 84 16.57 -32.30 17.51
C ILE A 84 17.47 -32.68 16.35
N MET A 85 18.59 -33.36 16.62
CA MET A 85 19.49 -33.81 15.55
C MET A 85 18.87 -34.97 14.78
N LYS A 86 18.46 -36.02 15.50
CA LYS A 86 17.78 -37.15 14.87
C LYS A 86 16.34 -36.84 14.49
N GLU A 87 15.93 -35.58 14.61
CA GLU A 87 14.64 -35.11 14.13
C GLU A 87 14.75 -34.27 12.87
N LEU A 88 15.85 -33.53 12.70
CA LEU A 88 16.10 -32.83 11.44
C LEU A 88 16.54 -33.82 10.36
N LEU A 89 17.52 -34.67 10.68
CA LEU A 89 17.97 -35.67 9.73
C LEU A 89 16.82 -36.60 9.33
N ALA A 90 15.99 -37.00 10.30
CA ALA A 90 14.87 -37.88 10.01
C ALA A 90 13.94 -37.26 8.99
N CYS A 91 13.57 -36.00 9.18
CA CYS A 91 12.65 -35.32 8.29
C CYS A 91 13.31 -35.03 6.94
N SER A 92 13.17 -33.79 6.46
CA SER A 92 13.62 -33.43 5.12
C SER A 92 14.98 -32.76 5.09
N HIS A 93 15.49 -32.28 6.23
CA HIS A 93 16.62 -31.34 6.27
C HIS A 93 17.79 -31.96 7.02
N PRO A 94 18.51 -32.90 6.41
CA PRO A 94 19.79 -33.35 6.98
C PRO A 94 20.93 -32.45 6.56
N PHE A 95 21.67 -31.89 7.53
CA PHE A 95 22.74 -30.95 7.21
C PHE A 95 23.70 -31.56 6.20
N SER A 96 24.32 -30.68 5.41
CA SER A 96 25.23 -31.14 4.37
C SER A 96 26.34 -31.98 4.97
N LYS A 97 26.75 -33.02 4.23
CA LYS A 97 27.88 -33.85 4.67
C LYS A 97 29.11 -33.00 4.94
N SER A 98 29.23 -31.85 4.27
CA SER A 98 30.36 -30.97 4.51
C SER A 98 30.22 -30.22 5.83
N ALA A 99 29.02 -29.72 6.13
CA ALA A 99 28.80 -29.02 7.39
C ALA A 99 29.03 -29.95 8.58
N THR A 100 28.32 -31.08 8.60
CA THR A 100 28.54 -32.07 9.65
C THR A 100 30.01 -32.44 9.77
N GLU A 101 30.74 -32.45 8.65
CA GLU A 101 32.16 -32.77 8.69
C GLU A 101 32.93 -31.79 9.56
N HIS A 102 32.65 -30.49 9.38
CA HIS A 102 33.34 -29.48 10.16
C HIS A 102 33.08 -29.65 11.66
N VAL A 103 31.81 -29.83 12.02
CA VAL A 103 31.38 -29.85 13.42
C VAL A 103 32.13 -30.94 14.19
N GLN A 104 31.78 -32.20 13.94
CA GLN A 104 32.43 -33.28 14.67
C GLN A 104 33.94 -33.29 14.48
N GLY A 105 34.44 -32.64 13.43
CA GLY A 105 35.88 -32.45 13.32
C GLY A 105 36.43 -31.70 14.52
N HIS A 106 35.80 -30.58 14.86
CA HIS A 106 36.21 -29.82 16.04
C HIS A 106 35.83 -30.56 17.32
N LEU A 107 34.73 -31.34 17.30
CA LEU A 107 34.39 -32.16 18.46
C LEU A 107 35.47 -33.19 18.73
N GLY A 108 35.98 -33.84 17.68
CA GLY A 108 37.05 -34.80 17.83
C GLY A 108 38.24 -34.23 18.59
N LYS A 109 38.79 -33.12 18.12
CA LYS A 109 39.89 -32.46 18.83
C LYS A 109 39.44 -31.79 20.12
N LYS A 110 38.18 -32.01 20.51
CA LYS A 110 37.65 -31.51 21.78
C LYS A 110 37.81 -30.00 21.89
N GLN A 111 37.59 -29.30 20.79
CA GLN A 111 37.64 -27.85 20.72
C GLN A 111 36.24 -27.32 20.47
N VAL A 112 35.76 -26.45 21.36
CA VAL A 112 34.38 -25.98 21.30
C VAL A 112 34.34 -24.46 21.26
N PRO A 113 34.74 -23.84 20.16
CA PRO A 113 34.54 -22.40 20.02
C PRO A 113 33.07 -22.07 20.07
N PRO A 114 32.71 -20.86 20.52
CA PRO A 114 31.29 -20.48 20.57
C PRO A 114 30.60 -20.56 19.21
N ASP A 115 31.34 -20.37 18.12
CA ASP A 115 30.80 -20.48 16.77
C ASP A 115 30.88 -21.91 16.23
N LEU A 116 30.93 -22.90 17.11
CA LEU A 116 31.11 -24.29 16.67
C LEU A 116 30.04 -24.71 15.69
N PHE A 117 28.78 -24.36 15.98
CA PHE A 117 27.66 -24.77 15.16
C PHE A 117 27.27 -23.73 14.10
N GLN A 118 28.13 -22.75 13.84
CA GLN A 118 27.79 -21.72 12.87
C GLN A 118 27.48 -22.28 11.50
N PRO A 119 28.22 -23.27 10.97
CA PRO A 119 27.81 -23.87 9.68
C PRO A 119 26.40 -24.42 9.71
N TYR A 120 25.89 -24.78 10.88
CA TYR A 120 24.50 -25.24 10.99
C TYR A 120 23.52 -24.08 10.94
N ILE A 121 23.85 -22.96 11.58
CA ILE A 121 22.97 -21.79 11.55
C ILE A 121 22.70 -21.37 10.12
N GLU A 122 23.77 -21.24 9.33
CA GLU A 122 23.63 -20.76 7.96
C GLU A 122 22.71 -21.68 7.15
N GLU A 123 22.90 -22.99 7.27
CA GLU A 123 22.02 -23.93 6.57
C GLU A 123 20.60 -23.85 7.11
N ILE A 124 20.45 -23.65 8.43
CA ILE A 124 19.11 -23.56 9.01
C ILE A 124 18.34 -22.42 8.36
N CYS A 125 18.97 -21.26 8.24
CA CYS A 125 18.31 -20.11 7.62
C CYS A 125 18.03 -20.38 6.15
N GLN A 126 19.03 -20.92 5.43
CA GLN A 126 18.89 -21.26 4.01
C GLN A 126 17.67 -22.13 3.77
N ASN A 127 17.12 -22.72 4.84
CA ASN A 127 15.93 -23.54 4.76
C ASN A 127 14.73 -22.89 5.44
N LEU A 128 14.80 -21.59 5.73
CA LEU A 128 13.66 -20.84 6.21
C LEU A 128 13.33 -19.63 5.35
N ARG A 129 14.08 -19.41 4.26
CA ARG A 129 13.95 -18.22 3.45
C ARG A 129 12.80 -18.30 2.45
N GLY A 130 12.36 -19.50 2.08
CA GLY A 130 11.34 -19.65 1.06
C GLY A 130 9.94 -19.83 1.59
N ASP A 131 9.37 -21.02 1.39
CA ASP A 131 7.96 -21.25 1.73
C ASP A 131 7.70 -20.98 3.20
N VAL A 132 8.65 -21.30 4.07
CA VAL A 132 8.43 -21.13 5.50
C VAL A 132 8.20 -19.66 5.83
N PHE A 133 9.05 -18.78 5.29
CA PHE A 133 8.86 -17.35 5.51
C PHE A 133 7.58 -16.88 4.82
N GLN A 134 7.30 -17.38 3.62
CA GLN A 134 6.05 -17.01 2.94
C GLN A 134 4.84 -17.42 3.75
N LYS A 135 4.84 -18.64 4.29
CA LYS A 135 3.75 -19.08 5.16
C LYS A 135 3.62 -18.18 6.39
N PHE A 136 4.73 -17.58 6.83
CA PHE A 136 4.71 -16.68 7.97
C PHE A 136 4.10 -15.33 7.60
N ILE A 137 4.43 -14.82 6.41
CA ILE A 137 3.80 -13.59 5.94
C ILE A 137 2.28 -13.76 5.86
N GLU A 138 1.83 -14.94 5.44
CA GLU A 138 0.39 -15.19 5.30
C GLU A 138 -0.31 -15.36 6.63
N SER A 139 0.42 -15.50 7.73
CA SER A 139 -0.16 -15.84 9.01
C SER A 139 -0.45 -14.59 9.83
N ASP A 140 -1.19 -14.77 10.92
CA ASP A 140 -1.56 -13.68 11.81
C ASP A 140 -0.44 -13.29 12.77
N LYS A 141 0.75 -13.89 12.64
CA LYS A 141 1.90 -13.41 13.41
C LYS A 141 2.51 -12.18 12.74
N PHE A 142 2.75 -12.26 11.43
CA PHE A 142 3.14 -11.07 10.69
C PHE A 142 2.12 -9.95 10.87
N THR A 143 0.84 -10.32 10.96
CA THR A 143 -0.19 -9.33 11.27
C THR A 143 0.12 -8.62 12.58
N ARG A 144 0.34 -9.39 13.65
CA ARG A 144 0.74 -8.81 14.92
C ARG A 144 2.03 -8.01 14.78
N PHE A 145 2.96 -8.48 13.95
CA PHE A 145 4.18 -7.73 13.70
C PHE A 145 3.87 -6.36 13.10
N CYS A 146 2.94 -6.32 12.14
CA CYS A 146 2.50 -5.03 11.56
C CYS A 146 1.90 -4.13 12.63
N GLN A 147 1.17 -4.72 13.58
CA GLN A 147 0.60 -3.92 14.66
C GLN A 147 1.70 -3.32 15.54
N TRP A 148 2.76 -4.09 15.79
CA TRP A 148 3.86 -3.55 16.59
C TRP A 148 4.68 -2.54 15.80
N LYS A 149 4.98 -2.84 14.52
CA LYS A 149 5.77 -1.92 13.73
C LYS A 149 5.04 -0.59 13.54
N ASN A 150 3.71 -0.61 13.58
CA ASN A 150 2.97 0.64 13.50
C ASN A 150 3.21 1.50 14.73
N VAL A 151 3.21 0.89 15.91
CA VAL A 151 3.51 1.64 17.13
C VAL A 151 4.94 2.20 17.07
N GLU A 152 5.91 1.33 16.76
CA GLU A 152 7.29 1.78 16.69
C GLU A 152 7.45 2.98 15.77
N LEU A 153 6.82 2.94 14.60
CA LEU A 153 6.95 4.01 13.62
C LEU A 153 6.04 5.19 13.90
N ASN A 154 5.27 5.17 14.98
CA ASN A 154 4.37 6.25 15.34
C ASN A 154 4.74 6.88 16.69
N ILE A 155 6.03 6.89 17.01
CA ILE A 155 6.50 7.34 18.32
C ILE A 155 6.74 8.84 18.27
N HIS A 156 6.03 9.57 19.14
CA HIS A 156 6.24 11.00 19.35
C HIS A 156 6.25 11.22 20.85
N LEU A 157 7.45 11.24 21.43
CA LEU A 157 7.60 11.33 22.87
C LEU A 157 7.48 12.77 23.35
N THR A 158 6.92 12.93 24.54
CA THR A 158 6.89 14.20 25.25
C THR A 158 7.31 13.94 26.69
N MET A 159 7.65 15.03 27.38
CA MET A 159 8.02 14.92 28.80
C MET A 159 6.94 14.20 29.60
N ASN A 160 5.70 14.20 29.13
CA ASN A 160 4.63 13.49 29.82
C ASN A 160 4.82 11.98 29.76
N ASP A 161 5.69 11.49 28.88
CA ASP A 161 5.92 10.04 28.76
C ASP A 161 6.92 9.50 29.77
N PHE A 162 7.51 10.36 30.61
CA PHE A 162 8.52 9.93 31.56
C PHE A 162 8.18 10.45 32.95
N SER A 163 8.40 9.61 33.95
CA SER A 163 8.31 10.02 35.36
C SER A 163 9.74 10.33 35.82
N VAL A 164 10.02 11.62 36.01
CA VAL A 164 11.37 12.06 36.34
C VAL A 164 11.56 12.02 37.85
N HIS A 165 12.70 11.48 38.28
CA HIS A 165 13.03 11.42 39.70
C HIS A 165 14.11 12.44 40.03
N ARG A 166 15.05 12.08 40.90
CA ARG A 166 16.09 13.00 41.33
C ARG A 166 16.94 13.44 40.13
N ILE A 167 17.72 14.50 40.34
CA ILE A 167 18.75 14.89 39.39
C ILE A 167 19.98 14.04 39.62
N ILE A 168 20.60 13.57 38.53
CA ILE A 168 21.79 12.75 38.61
C ILE A 168 22.98 13.38 37.91
N GLY A 169 22.83 14.61 37.42
CA GLY A 169 23.92 15.29 36.76
C GLY A 169 23.59 16.75 36.56
N ARG A 170 24.56 17.47 35.98
CA ARG A 170 24.38 18.89 35.68
C ARG A 170 25.61 19.44 34.98
N GLY A 171 25.42 20.46 34.15
CA GLY A 171 26.52 21.07 33.44
C GLY A 171 26.15 22.47 32.98
N GLY A 172 26.78 22.89 31.88
CA GLY A 172 26.58 24.23 31.35
C GLY A 172 25.39 24.41 30.44
N PHE A 173 24.73 23.31 30.05
CA PHE A 173 23.58 23.38 29.15
C PHE A 173 22.31 22.78 29.72
N GLY A 174 22.39 21.95 30.73
CA GLY A 174 21.19 21.36 31.30
C GLY A 174 21.55 20.30 32.33
N GLU A 175 20.51 19.76 32.93
CA GLU A 175 20.64 18.72 33.95
C GLU A 175 20.39 17.35 33.34
N VAL A 176 20.82 16.33 34.07
CA VAL A 176 20.55 14.94 33.72
C VAL A 176 19.70 14.34 34.84
N TYR A 177 18.62 13.66 34.46
CA TYR A 177 17.62 13.20 35.41
C TYR A 177 17.52 11.69 35.39
N GLY A 178 16.95 11.14 36.46
CA GLY A 178 16.58 9.74 36.51
C GLY A 178 15.08 9.60 36.38
N CYS A 179 14.63 8.92 35.32
CA CYS A 179 13.22 8.85 34.99
C CYS A 179 12.83 7.41 34.66
N ARG A 180 11.53 7.20 34.53
CA ARG A 180 10.97 5.89 34.20
C ARG A 180 9.93 6.08 33.09
N LYS A 181 10.14 5.40 31.97
CA LYS A 181 9.22 5.52 30.84
C LYS A 181 7.87 4.94 31.22
N ALA A 182 6.82 5.75 31.10
CA ALA A 182 5.49 5.31 31.55
C ALA A 182 5.00 4.12 30.74
N ASP A 183 5.28 4.10 29.43
CA ASP A 183 4.81 3.00 28.59
C ASP A 183 5.23 1.65 29.17
N THR A 184 6.54 1.46 29.36
CA THR A 184 7.09 0.19 29.78
C THR A 184 7.64 0.18 31.20
N GLY A 185 8.02 1.33 31.75
CA GLY A 185 8.55 1.41 33.09
C GLY A 185 10.05 1.27 33.22
N LYS A 186 10.76 1.07 32.11
CA LYS A 186 12.20 0.91 32.19
C LYS A 186 12.85 2.18 32.73
N MET A 187 13.96 2.00 33.45
CA MET A 187 14.69 3.11 34.05
C MET A 187 15.69 3.65 33.05
N TYR A 188 15.61 4.96 32.79
CA TYR A 188 16.52 5.63 31.88
C TYR A 188 17.10 6.87 32.55
N ALA A 189 18.13 7.42 31.94
CA ALA A 189 18.61 8.76 32.27
C ALA A 189 18.18 9.70 31.16
N MET A 190 17.63 10.85 31.55
CA MET A 190 17.20 11.88 30.61
C MET A 190 18.17 13.05 30.68
N LYS A 191 18.95 13.25 29.62
CA LYS A 191 19.87 14.36 29.50
C LYS A 191 19.14 15.51 28.82
N CYS A 192 18.68 16.48 29.61
CA CYS A 192 17.95 17.62 29.08
C CYS A 192 18.92 18.78 28.83
N LEU A 193 18.94 19.27 27.60
CA LEU A 193 19.67 20.46 27.24
C LEU A 193 18.71 21.66 27.23
N ASP A 194 19.13 22.75 26.61
CA ASP A 194 18.29 23.94 26.56
C ASP A 194 18.69 24.75 25.33
N LYS A 195 17.80 24.84 24.35
CA LYS A 195 18.06 25.65 23.17
C LYS A 195 18.42 27.08 23.55
N LYS A 196 17.84 27.59 24.65
CA LYS A 196 18.18 28.94 25.09
C LYS A 196 19.66 29.05 25.47
N ARG A 197 20.18 28.05 26.18
CA ARG A 197 21.59 28.08 26.55
C ARG A 197 22.49 27.77 25.36
N ILE A 198 22.09 26.79 24.54
CA ILE A 198 22.92 26.39 23.40
C ILE A 198 23.25 27.62 22.54
N LYS A 199 22.22 28.39 22.18
N LYS A 199 22.24 28.40 22.19
CA LYS A 199 22.45 29.60 21.39
CA LYS A 199 22.47 29.58 21.37
C LYS A 199 23.39 30.55 22.11
C LYS A 199 23.35 30.60 22.11
N MET A 200 23.22 30.70 23.42
CA MET A 200 24.08 31.60 24.18
C MET A 200 25.54 31.21 24.03
N LYS A 201 25.88 29.98 24.37
CA LYS A 201 27.24 29.49 24.34
C LYS A 201 27.67 28.97 22.98
N GLN A 202 26.84 29.18 21.95
CA GLN A 202 27.20 28.81 20.57
C GLN A 202 27.57 27.33 20.48
N GLY A 203 26.77 26.47 21.12
CA GLY A 203 27.07 25.05 21.14
C GLY A 203 26.09 24.21 20.35
N GLU A 204 25.55 24.77 19.26
CA GLU A 204 24.61 24.02 18.45
C GLU A 204 25.31 22.93 17.66
N THR A 205 26.48 23.24 17.08
CA THR A 205 27.23 22.23 16.34
C THR A 205 27.54 21.02 17.20
N LEU A 206 27.70 21.22 18.51
CA LEU A 206 28.01 20.11 19.41
C LEU A 206 26.77 19.27 19.69
N ALA A 207 25.65 19.91 20.01
CA ALA A 207 24.43 19.18 20.31
C ALA A 207 23.98 18.32 19.14
N LEU A 208 24.25 18.76 17.91
CA LEU A 208 23.88 17.94 16.76
C LEU A 208 24.88 16.83 16.50
N ASN A 209 26.17 17.09 16.73
CA ASN A 209 27.17 16.06 16.52
C ASN A 209 27.10 14.96 17.58
N GLU A 210 26.61 15.29 18.77
CA GLU A 210 26.49 14.27 19.80
C GLU A 210 25.42 13.24 19.44
N ARG A 211 24.33 13.68 18.80
CA ARG A 211 23.27 12.75 18.44
C ARG A 211 23.59 11.95 17.19
N ILE A 212 24.41 12.50 16.29
CA ILE A 212 24.84 11.72 15.13
C ILE A 212 25.85 10.68 15.55
N MET A 213 26.73 11.01 16.50
CA MET A 213 27.68 10.02 17.00
C MET A 213 26.98 8.98 17.87
N LEU A 214 26.03 9.42 18.69
CA LEU A 214 25.24 8.46 19.46
C LEU A 214 24.51 7.49 18.53
N SER A 215 23.99 7.99 17.40
CA SER A 215 23.33 7.11 16.44
C SER A 215 24.28 6.04 15.93
N LEU A 216 25.54 6.40 15.70
CA LEU A 216 26.49 5.47 15.10
C LEU A 216 26.99 4.43 16.09
N VAL A 217 27.01 4.74 17.39
CA VAL A 217 27.56 3.82 18.39
C VAL A 217 26.49 3.14 19.23
N SER A 218 25.24 3.61 19.20
CA SER A 218 24.19 3.05 20.03
C SER A 218 23.62 1.74 19.49
N THR A 219 24.37 1.04 18.66
CA THR A 219 23.95 -0.25 18.12
C THR A 219 24.86 -1.34 18.68
N GLY A 220 24.25 -2.44 19.14
CA GLY A 220 24.99 -3.57 19.66
C GLY A 220 24.97 -3.73 21.16
N ASP A 221 24.38 -2.78 21.90
CA ASP A 221 24.22 -2.92 23.34
C ASP A 221 25.59 -3.05 24.04
N CYS A 222 26.52 -2.18 23.65
CA CYS A 222 27.82 -2.19 24.27
C CYS A 222 27.69 -1.85 25.75
N PRO A 223 28.24 -2.67 26.65
CA PRO A 223 28.08 -2.42 28.08
C PRO A 223 28.96 -1.31 28.62
N PHE A 224 29.83 -0.72 27.81
CA PHE A 224 30.82 0.25 28.28
C PHE A 224 30.66 1.60 27.58
N ILE A 225 29.44 1.94 27.18
CA ILE A 225 29.14 3.24 26.59
C ILE A 225 27.76 3.65 27.02
N VAL A 226 27.61 4.90 27.48
CA VAL A 226 26.29 5.48 27.67
C VAL A 226 25.66 5.62 26.30
N CYS A 227 24.76 4.71 25.95
CA CYS A 227 24.15 4.67 24.63
C CYS A 227 22.74 5.25 24.65
N MET A 228 22.35 5.81 23.52
CA MET A 228 21.06 6.47 23.37
C MET A 228 20.00 5.50 22.90
N SER A 229 18.81 5.62 23.47
CA SER A 229 17.63 4.90 22.98
C SER A 229 16.67 5.79 22.21
N TYR A 230 16.47 7.02 22.67
CA TYR A 230 15.57 7.96 22.03
C TYR A 230 16.23 9.33 21.95
N ALA A 231 15.65 10.18 21.11
CA ALA A 231 16.01 11.59 21.07
C ALA A 231 14.77 12.35 20.61
N PHE A 232 14.41 13.38 21.36
CA PHE A 232 13.26 14.22 21.03
C PHE A 232 13.58 15.64 21.48
N HIS A 233 12.56 16.49 21.51
CA HIS A 233 12.74 17.86 21.99
C HIS A 233 11.43 18.59 22.12
N THR A 234 11.20 19.21 23.28
CA THR A 234 10.08 20.12 23.45
C THR A 234 10.40 21.40 22.69
N PRO A 235 9.56 22.42 22.75
CA PRO A 235 9.86 23.65 22.01
C PRO A 235 10.94 24.51 22.65
N ASP A 236 11.74 23.93 23.55
CA ASP A 236 12.72 24.74 24.26
C ASP A 236 13.96 23.97 24.72
N LYS A 237 13.94 22.64 24.63
CA LYS A 237 15.06 21.87 25.17
C LYS A 237 15.21 20.56 24.41
N LEU A 238 16.47 20.19 24.15
CA LEU A 238 16.80 18.90 23.56
C LEU A 238 16.88 17.84 24.64
N SER A 239 16.46 16.61 24.29
CA SER A 239 16.40 15.53 25.25
C SER A 239 17.06 14.27 24.67
N PHE A 240 17.91 13.66 25.47
CA PHE A 240 18.51 12.36 25.16
C PHE A 240 18.08 11.36 26.21
N ILE A 241 17.52 10.23 25.77
CA ILE A 241 17.20 9.11 26.66
C ILE A 241 18.37 8.14 26.57
N LEU A 242 19.14 8.04 27.65
CA LEU A 242 20.41 7.32 27.68
C LEU A 242 20.40 6.25 28.76
N ASP A 243 21.46 5.45 28.78
CA ASP A 243 21.65 4.47 29.83
C ASP A 243 21.73 5.15 31.19
N LEU A 244 21.06 4.55 32.17
CA LEU A 244 21.03 5.13 33.51
C LEU A 244 22.32 4.79 34.26
N MET A 245 22.99 5.81 34.79
CA MET A 245 24.26 5.66 35.49
C MET A 245 24.24 6.61 36.70
N ASN A 246 23.60 6.15 37.78
CA ASN A 246 23.50 6.96 38.99
C ASN A 246 24.62 6.57 39.96
N GLY A 247 25.84 6.91 39.55
CA GLY A 247 27.01 6.57 40.35
C GLY A 247 28.18 7.54 40.21
N GLY A 248 27.90 8.74 39.72
CA GLY A 248 28.94 9.74 39.59
C GLY A 248 30.01 9.37 38.58
N ASP A 249 30.94 10.28 38.38
CA ASP A 249 32.04 10.12 37.44
C ASP A 249 33.35 9.90 38.19
N LEU A 250 34.37 9.52 37.44
CA LEU A 250 35.67 9.28 38.05
C LEU A 250 36.32 10.57 38.52
N HIS A 251 36.21 11.64 37.74
CA HIS A 251 36.80 12.91 38.13
C HIS A 251 36.38 13.30 39.54
N TYR A 252 35.15 12.97 39.93
CA TYR A 252 34.70 13.19 41.30
C TYR A 252 35.25 12.11 42.24
N HIS A 253 34.91 10.84 41.96
CA HIS A 253 35.38 9.76 42.82
C HIS A 253 36.90 9.77 42.99
N LEU A 254 37.63 10.20 41.95
CA LEU A 254 39.08 10.28 42.06
C LEU A 254 39.49 11.18 43.21
N SER A 255 38.91 12.38 43.27
CA SER A 255 39.27 13.32 44.34
C SER A 255 38.87 12.79 45.70
N GLN A 256 37.68 12.18 45.81
CA GLN A 256 37.19 11.73 47.10
C GLN A 256 37.96 10.52 47.60
N HIS A 257 37.92 9.42 46.85
CA HIS A 257 38.61 8.20 47.28
C HIS A 257 40.12 8.38 47.31
N GLY A 258 40.66 9.25 46.47
CA GLY A 258 42.10 9.35 46.32
C GLY A 258 42.59 8.51 45.15
N VAL A 259 43.90 8.59 44.93
CA VAL A 259 44.50 7.92 43.79
C VAL A 259 44.24 6.41 43.87
N PHE A 260 44.14 5.77 42.71
CA PHE A 260 43.91 4.34 42.61
C PHE A 260 45.22 3.60 42.36
N SER A 261 45.25 2.33 42.75
CA SER A 261 46.40 1.47 42.53
C SER A 261 46.39 0.92 41.10
N GLU A 262 47.52 0.32 40.71
CA GLU A 262 47.59 -0.32 39.40
C GLU A 262 46.48 -1.35 39.24
N ALA A 263 46.15 -2.07 40.31
CA ALA A 263 45.08 -3.06 40.25
C ALA A 263 43.72 -2.40 40.11
N ASP A 264 43.42 -1.43 40.98
CA ASP A 264 42.17 -0.71 40.85
C ASP A 264 42.08 0.03 39.52
N MET A 265 43.21 0.56 39.04
CA MET A 265 43.23 1.19 37.74
C MET A 265 43.06 0.17 36.61
N ARG A 266 43.60 -1.04 36.79
CA ARG A 266 43.48 -2.05 35.74
C ARG A 266 42.04 -2.35 35.41
N PHE A 267 41.17 -2.39 36.42
CA PHE A 267 39.75 -2.65 36.17
C PHE A 267 39.17 -1.61 35.23
N TYR A 268 39.42 -0.33 35.50
CA TYR A 268 38.85 0.72 34.66
C TYR A 268 39.45 0.68 33.25
N ALA A 269 40.77 0.50 33.16
CA ALA A 269 41.41 0.47 31.85
C ALA A 269 40.81 -0.61 30.96
N ALA A 270 40.57 -1.81 31.50
CA ALA A 270 40.01 -2.89 30.71
C ALA A 270 38.62 -2.54 30.21
N GLU A 271 37.74 -2.10 31.11
CA GLU A 271 36.39 -1.76 30.70
C GLU A 271 36.38 -0.60 29.71
N ILE A 272 37.27 0.37 29.91
CA ILE A 272 37.36 1.49 28.97
C ILE A 272 37.82 1.00 27.61
N ILE A 273 38.89 0.20 27.57
CA ILE A 273 39.44 -0.27 26.30
C ILE A 273 38.36 -0.94 25.46
N LEU A 274 37.48 -1.71 26.10
CA LEU A 274 36.40 -2.34 25.34
C LEU A 274 35.43 -1.32 24.77
N GLY A 275 35.24 -0.19 25.46
CA GLY A 275 34.41 0.87 24.91
C GLY A 275 35.00 1.45 23.65
N LEU A 276 36.30 1.78 23.67
CA LEU A 276 36.96 2.30 22.49
C LEU A 276 36.87 1.32 21.33
N GLU A 277 37.23 0.07 21.56
CA GLU A 277 37.15 -0.94 20.52
C GLU A 277 35.78 -0.96 19.85
N HIS A 278 34.73 -0.66 20.62
CA HIS A 278 33.38 -0.62 20.05
C HIS A 278 33.23 0.53 19.07
N MET A 279 33.58 1.74 19.49
CA MET A 279 33.50 2.90 18.61
C MET A 279 34.41 2.73 17.40
N HIS A 280 35.66 2.32 17.65
CA HIS A 280 36.64 2.27 16.56
C HIS A 280 36.22 1.28 15.47
N ASN A 281 35.48 0.24 15.82
CA ASN A 281 34.95 -0.64 14.78
C ASN A 281 33.87 0.06 13.96
N ARG A 282 33.21 1.06 14.54
CA ARG A 282 32.24 1.87 13.81
C ARG A 282 32.82 3.20 13.37
N PHE A 283 34.14 3.26 13.21
CA PHE A 283 34.83 4.41 12.65
C PHE A 283 34.43 5.71 13.36
N VAL A 284 34.50 5.67 14.68
CA VAL A 284 34.19 6.81 15.52
C VAL A 284 35.36 7.02 16.49
N VAL A 285 36.00 8.18 16.41
CA VAL A 285 37.04 8.58 17.35
C VAL A 285 36.40 9.43 18.43
N TYR A 286 36.64 9.08 19.69
CA TYR A 286 36.04 9.79 20.81
C TYR A 286 36.65 11.18 20.95
N ARG A 287 37.93 11.24 21.29
CA ARG A 287 38.75 12.45 21.34
C ARG A 287 38.58 13.24 22.63
N ASP A 288 37.86 12.74 23.62
CA ASP A 288 37.65 13.47 24.86
C ASP A 288 37.74 12.53 26.06
N LEU A 289 38.73 11.64 26.05
CA LEU A 289 38.84 10.62 27.08
C LEU A 289 39.48 11.22 28.33
N LYS A 290 38.69 11.39 29.38
CA LYS A 290 39.15 11.96 30.64
C LYS A 290 38.27 11.42 31.76
N PRO A 291 38.79 11.36 32.99
CA PRO A 291 38.01 10.76 34.09
C PRO A 291 36.60 11.33 34.24
N ALA A 292 36.41 12.63 33.97
CA ALA A 292 35.10 13.24 34.15
C ALA A 292 34.04 12.68 33.21
N ASN A 293 34.46 12.02 32.13
CA ASN A 293 33.53 11.39 31.19
C ASN A 293 33.37 9.90 31.43
N ILE A 294 33.94 9.37 32.52
CA ILE A 294 33.81 7.97 32.89
C ILE A 294 32.80 7.88 34.03
N LEU A 295 31.63 7.31 33.74
CA LEU A 295 30.55 7.21 34.70
C LEU A 295 30.55 5.84 35.39
N LEU A 296 29.89 5.78 36.53
CA LEU A 296 29.74 4.55 37.29
C LEU A 296 28.25 4.27 37.50
N ASP A 297 27.88 3.00 37.43
CA ASP A 297 26.53 2.58 37.76
C ASP A 297 26.45 2.33 39.27
N GLU A 298 25.28 1.88 39.73
CA GLU A 298 25.11 1.60 41.14
C GLU A 298 25.97 0.44 41.62
N HIS A 299 26.58 -0.32 40.71
CA HIS A 299 27.45 -1.44 41.09
C HIS A 299 28.93 -1.13 40.94
N GLY A 300 29.29 0.03 40.38
CA GLY A 300 30.67 0.42 40.22
C GLY A 300 31.26 0.20 38.84
N HIS A 301 30.50 -0.34 37.90
CA HIS A 301 31.01 -0.51 36.55
C HIS A 301 30.93 0.80 35.78
N VAL A 302 31.79 0.93 34.78
CA VAL A 302 32.02 2.21 34.13
C VAL A 302 31.46 2.18 32.70
N ARG A 303 31.22 3.38 32.18
CA ARG A 303 30.84 3.59 30.79
C ARG A 303 31.45 4.89 30.30
N ILE A 304 31.85 4.92 29.03
CA ILE A 304 32.25 6.17 28.40
C ILE A 304 31.01 7.02 28.16
N SER A 305 31.11 8.31 28.44
CA SER A 305 29.95 9.20 28.45
C SER A 305 30.23 10.46 27.65
N ASP A 306 29.15 11.12 27.25
CA ASP A 306 29.20 12.39 26.52
C ASP A 306 29.99 12.29 25.23
N LEU A 307 29.34 11.85 24.15
CA LEU A 307 29.95 11.74 22.84
C LEU A 307 29.98 13.08 22.08
N GLY A 308 29.82 14.20 22.79
CA GLY A 308 29.73 15.48 22.11
C GLY A 308 30.84 15.73 21.11
N LEU A 309 32.08 15.46 21.49
CA LEU A 309 33.23 15.76 20.64
C LEU A 309 33.63 14.60 19.72
N ALA A 310 32.89 13.49 19.73
CA ALA A 310 33.25 12.34 18.91
C ALA A 310 33.27 12.73 17.42
N CYS A 311 33.69 11.81 16.56
CA CYS A 311 33.84 12.12 15.15
C CYS A 311 33.88 10.84 14.34
N ASP A 312 33.47 10.94 13.08
CA ASP A 312 33.52 9.84 12.13
C ASP A 312 34.79 9.95 11.29
N PHE A 313 35.35 8.79 10.90
CA PHE A 313 36.51 8.79 10.03
C PHE A 313 36.45 7.71 8.96
N SER A 314 35.29 7.08 8.75
CA SER A 314 35.15 6.15 7.64
C SER A 314 35.35 6.87 6.31
N LYS A 315 35.04 8.15 6.24
CA LYS A 315 35.26 8.99 5.07
C LYS A 315 36.04 10.25 5.40
N LYS A 316 35.76 10.87 6.54
CA LYS A 316 36.36 12.17 6.86
C LYS A 316 37.87 12.07 7.03
N LYS A 317 38.33 11.23 7.97
CA LYS A 317 39.73 11.27 8.38
C LYS A 317 39.97 12.66 8.95
N PRO A 318 39.72 12.87 10.25
CA PRO A 318 39.30 14.20 10.71
C PRO A 318 40.37 15.22 11.09
N HIS A 319 40.36 16.32 10.36
CA HIS A 319 40.67 17.66 10.84
C HIS A 319 41.81 17.84 11.84
N ALA A 320 41.50 18.53 12.94
CA ALA A 320 42.50 19.28 13.68
C ALA A 320 42.41 19.02 15.19
N SER A 321 42.82 20.01 15.97
CA SER A 321 43.04 19.87 17.41
C SER A 321 41.72 20.04 18.16
N VAL A 322 41.09 18.91 18.51
CA VAL A 322 39.85 18.90 19.27
C VAL A 322 39.99 17.93 20.43
N GLY A 323 39.65 18.39 21.63
CA GLY A 323 39.73 17.57 22.83
C GLY A 323 39.98 18.44 24.04
N THR A 324 40.53 17.81 25.07
CA THR A 324 40.90 18.49 26.31
C THR A 324 42.41 18.57 26.40
N HIS A 325 42.92 19.76 26.75
CA HIS A 325 44.36 19.94 26.83
C HIS A 325 44.95 19.07 27.93
N GLY A 326 46.02 18.36 27.60
CA GLY A 326 46.62 17.39 28.50
C GLY A 326 46.32 15.95 28.14
N TYR A 327 45.30 15.71 27.31
CA TYR A 327 44.94 14.38 26.86
C TYR A 327 45.03 14.22 25.35
N MET A 328 45.37 15.28 24.62
CA MET A 328 45.33 15.29 23.16
C MET A 328 46.65 14.77 22.60
N ALA A 329 46.55 13.82 21.66
CA ALA A 329 47.73 13.24 21.04
C ALA A 329 48.43 14.27 20.16
N PRO A 330 49.64 13.95 19.68
CA PRO A 330 50.31 14.88 18.74
C PRO A 330 49.48 15.17 17.50
N GLU A 331 48.98 14.14 16.82
CA GLU A 331 48.16 14.35 15.64
C GLU A 331 46.93 15.19 15.96
N VAL A 332 46.46 15.16 17.20
CA VAL A 332 45.28 15.90 17.61
C VAL A 332 45.68 17.31 18.01
N LEU A 333 46.93 17.67 17.76
CA LEU A 333 47.42 19.02 18.01
C LEU A 333 47.81 19.74 16.74
N GLN A 334 48.59 19.11 15.87
CA GLN A 334 48.94 19.69 14.57
C GLN A 334 47.67 19.89 13.75
N LYS A 335 47.23 21.14 13.61
CA LYS A 335 45.95 21.44 12.97
C LYS A 335 46.03 21.16 11.47
N GLY A 336 47.11 20.51 11.04
CA GLY A 336 47.28 20.17 9.64
C GLY A 336 47.72 18.73 9.46
N VAL A 337 47.23 17.83 10.32
CA VAL A 337 47.61 16.42 10.29
C VAL A 337 46.36 15.58 10.49
N ALA A 338 46.16 14.61 9.60
CA ALA A 338 45.01 13.71 9.69
C ALA A 338 45.32 12.55 10.63
N TYR A 339 44.32 12.15 11.41
CA TYR A 339 44.46 11.09 12.40
C TYR A 339 43.18 10.28 12.46
N ASP A 340 43.30 9.02 12.89
CA ASP A 340 42.13 8.17 13.08
C ASP A 340 41.99 7.82 14.55
N SER A 341 41.72 6.54 14.84
CA SER A 341 41.55 6.11 16.22
C SER A 341 42.82 6.28 17.04
N SER A 342 43.98 6.43 16.40
CA SER A 342 45.23 6.58 17.13
C SER A 342 45.18 7.73 18.13
N ALA A 343 44.21 8.63 17.99
CA ALA A 343 44.09 9.74 18.93
C ALA A 343 43.59 9.28 20.30
N ASP A 344 42.81 8.19 20.33
CA ASP A 344 42.27 7.70 21.59
C ASP A 344 43.30 6.87 22.35
N TRP A 345 44.05 6.02 21.65
CA TRP A 345 45.08 5.21 22.32
C TRP A 345 46.05 6.11 23.09
N PHE A 346 46.41 7.26 22.53
CA PHE A 346 47.24 8.20 23.27
C PHE A 346 46.47 8.81 24.43
N SER A 347 45.21 9.19 24.20
CA SER A 347 44.41 9.81 25.25
C SER A 347 44.15 8.87 26.41
N LEU A 348 44.19 7.55 26.18
CA LEU A 348 44.00 6.61 27.28
C LEU A 348 45.20 6.60 28.21
N GLY A 349 46.41 6.73 27.67
CA GLY A 349 47.58 6.85 28.52
C GLY A 349 47.45 7.97 29.53
N CYS A 350 47.13 9.18 29.05
CA CYS A 350 46.89 10.30 29.95
C CYS A 350 45.71 10.02 30.88
N MET A 351 44.71 9.28 30.39
CA MET A 351 43.57 8.92 31.22
C MET A 351 44.01 8.11 32.44
N LEU A 352 44.66 6.97 32.20
CA LEU A 352 45.05 6.09 33.30
C LEU A 352 46.09 6.76 34.19
N PHE A 353 47.06 7.46 33.60
CA PHE A 353 48.09 8.12 34.38
C PHE A 353 47.48 9.02 35.45
N LYS A 354 46.49 9.83 35.06
CA LYS A 354 45.85 10.72 36.03
C LYS A 354 45.17 9.93 37.15
N LEU A 355 44.82 8.67 36.90
CA LEU A 355 44.26 7.83 37.97
C LEU A 355 45.32 7.25 38.87
N LEU A 356 46.54 7.03 38.35
CA LEU A 356 47.64 6.47 39.12
C LEU A 356 48.43 7.52 39.89
N ARG A 357 48.58 8.72 39.32
CA ARG A 357 49.29 9.80 39.97
C ARG A 357 48.35 10.89 40.48
N GLY A 358 47.44 11.36 39.63
CA GLY A 358 46.48 12.37 40.04
C GLY A 358 46.50 13.62 39.19
N HIS A 359 47.18 13.56 38.05
CA HIS A 359 47.30 14.71 37.16
C HIS A 359 47.78 14.24 35.81
N SER A 360 47.39 14.99 34.77
CA SER A 360 47.76 14.67 33.40
C SER A 360 49.26 14.46 33.28
N PRO A 361 49.71 13.59 32.37
CA PRO A 361 51.16 13.35 32.22
C PRO A 361 51.93 14.55 31.73
N PHE A 362 51.27 15.63 31.30
CA PHE A 362 51.95 16.81 30.77
C PHE A 362 51.57 18.07 31.54
N ARG A 363 51.10 17.92 32.77
CA ARG A 363 50.74 19.06 33.62
C ARG A 363 51.06 18.68 35.07
N GLN A 364 52.29 18.99 35.49
CA GLN A 364 52.71 18.73 36.86
C GLN A 364 52.71 19.98 37.73
N HIS A 365 53.23 21.09 37.21
CA HIS A 365 53.30 22.33 37.97
C HIS A 365 51.93 22.99 38.03
N LYS A 366 50.88 22.20 37.84
CA LYS A 366 49.50 22.67 37.79
C LYS A 366 49.40 23.94 36.96
N THR A 367 49.72 23.80 35.69
CA THR A 367 49.70 24.92 34.74
C THR A 367 48.37 24.94 34.00
N LYS A 368 47.75 26.11 33.95
CA LYS A 368 46.50 26.29 33.23
C LYS A 368 46.70 26.82 31.82
N ASP A 369 47.93 27.18 31.46
CA ASP A 369 48.24 27.65 30.10
C ASP A 369 48.35 26.44 29.19
N LYS A 370 47.38 26.29 28.29
CA LYS A 370 47.35 25.13 27.41
C LYS A 370 48.62 25.05 26.57
N HIS A 371 49.14 26.20 26.13
CA HIS A 371 50.36 26.20 25.33
C HIS A 371 51.50 25.49 26.05
N GLU A 372 51.47 25.46 27.40
CA GLU A 372 52.50 24.74 28.14
C GLU A 372 52.27 23.24 28.07
N ILE A 373 51.04 22.78 28.33
CA ILE A 373 50.75 21.36 28.30
C ILE A 373 50.94 20.81 26.89
N ASP A 374 50.34 21.48 25.90
CA ASP A 374 50.54 21.07 24.51
C ASP A 374 52.00 21.11 24.11
N ARG A 375 52.83 21.85 24.83
CA ARG A 375 54.26 21.90 24.53
C ARG A 375 54.98 20.68 25.10
N MET A 376 54.71 20.34 26.36
CA MET A 376 55.35 19.18 26.98
C MET A 376 54.95 17.88 26.29
N THR A 377 53.70 17.80 25.80
CA THR A 377 53.25 16.58 25.14
C THR A 377 53.83 16.43 23.74
N LEU A 378 54.08 17.54 23.05
CA LEU A 378 54.56 17.49 21.66
C LEU A 378 56.08 17.46 21.57
N THR A 379 56.79 17.70 22.67
CA THR A 379 58.25 17.80 22.64
C THR A 379 58.82 16.70 23.52
N MET A 380 59.09 16.95 24.79
CA MET A 380 59.77 15.98 25.63
C MET A 380 58.98 14.68 25.72
N ALA A 381 59.72 13.58 25.86
CA ALA A 381 59.09 12.29 26.08
C ALA A 381 58.73 12.13 27.56
N VAL A 382 57.74 11.28 27.81
CA VAL A 382 57.28 11.05 29.18
C VAL A 382 58.22 10.07 29.88
N GLU A 383 58.52 10.34 31.14
CA GLU A 383 59.39 9.50 31.95
C GLU A 383 58.64 9.09 33.21
N LEU A 384 58.41 7.79 33.36
CA LEU A 384 57.59 7.30 34.46
C LEU A 384 58.27 7.55 35.81
N PRO A 385 57.51 7.86 36.85
CA PRO A 385 58.05 7.75 38.20
C PRO A 385 58.48 6.31 38.47
N ASP A 386 59.70 6.13 38.95
CA ASP A 386 60.27 4.79 39.09
C ASP A 386 59.36 3.85 39.87
N SER A 387 58.37 4.39 40.58
CA SER A 387 57.46 3.53 41.35
C SER A 387 56.60 2.65 40.45
N PHE A 388 56.47 2.98 39.16
CA PHE A 388 55.68 2.15 38.27
C PHE A 388 56.36 0.81 38.04
N SER A 389 55.53 -0.21 37.82
CA SER A 389 56.02 -1.57 37.63
C SER A 389 56.55 -1.76 36.21
N PRO A 390 57.25 -2.87 35.96
CA PRO A 390 57.74 -3.11 34.59
C PRO A 390 56.62 -3.21 33.56
N GLU A 391 55.58 -4.00 33.84
CA GLU A 391 54.49 -4.13 32.88
C GLU A 391 53.75 -2.81 32.71
N LEU A 392 53.41 -2.15 33.82
CA LEU A 392 52.75 -0.85 33.71
C LEU A 392 53.60 0.13 32.90
N ARG A 393 54.93 0.00 32.98
CA ARG A 393 55.81 0.83 32.16
C ARG A 393 55.59 0.55 30.68
N SER A 394 55.58 -0.73 30.30
CA SER A 394 55.42 -1.08 28.89
C SER A 394 54.12 -0.52 28.31
N LEU A 395 53.04 -0.60 29.07
CA LEU A 395 51.75 -0.10 28.59
C LEU A 395 51.82 1.40 28.34
N LEU A 396 52.02 2.19 29.39
CA LEU A 396 52.03 3.64 29.24
C LEU A 396 53.08 4.10 28.24
N GLU A 397 54.27 3.52 28.30
CA GLU A 397 55.30 3.87 27.31
C GLU A 397 54.81 3.61 25.89
N GLY A 398 54.00 2.58 25.69
CA GLY A 398 53.48 2.26 24.38
C GLY A 398 52.29 3.12 23.97
N LEU A 399 51.43 3.45 24.94
CA LEU A 399 50.25 4.25 24.65
C LEU A 399 50.54 5.74 24.56
N LEU A 400 51.76 6.17 24.89
CA LEU A 400 52.12 7.59 24.87
C LEU A 400 53.17 7.92 23.82
N GLN A 401 53.60 6.95 23.02
CA GLN A 401 54.58 7.21 21.96
C GLN A 401 54.05 8.29 21.03
N ARG A 402 54.70 9.46 21.03
CA ARG A 402 54.27 10.55 20.15
C ARG A 402 54.18 10.09 18.71
N ASP A 403 55.04 9.16 18.30
CA ASP A 403 55.01 8.60 16.96
C ASP A 403 53.85 7.61 16.86
N VAL A 404 52.88 7.91 15.99
CA VAL A 404 51.75 7.01 15.78
C VAL A 404 52.21 5.68 15.18
N ASN A 405 53.36 5.68 14.50
CA ASN A 405 53.92 4.48 13.91
C ASN A 405 54.57 3.56 14.93
N ARG A 406 54.45 3.87 16.23
CA ARG A 406 55.09 3.08 17.27
C ARG A 406 54.26 3.13 18.55
N ARG A 407 52.95 2.99 18.44
CA ARG A 407 52.05 3.12 19.58
C ARG A 407 51.05 1.97 19.59
N LEU A 408 50.76 1.49 20.80
CA LEU A 408 49.82 0.38 20.95
C LEU A 408 48.48 0.72 20.32
N GLY A 409 47.92 -0.23 19.57
CA GLY A 409 46.69 -0.05 18.86
C GLY A 409 46.82 0.60 17.50
N CYS A 410 47.98 1.18 17.20
CA CYS A 410 48.20 1.88 15.94
C CYS A 410 49.05 1.07 14.97
N LEU A 411 49.31 -0.20 15.26
CA LEU A 411 50.19 -1.03 14.44
C LEU A 411 49.42 -1.96 13.50
N GLY A 412 48.12 -1.77 13.35
CA GLY A 412 47.34 -2.50 12.36
C GLY A 412 46.35 -3.49 12.92
N ARG A 413 46.40 -3.81 14.21
CA ARG A 413 45.44 -4.72 14.81
C ARG A 413 44.56 -4.03 15.86
N GLY A 414 44.76 -2.75 16.10
CA GLY A 414 43.83 -2.01 16.96
C GLY A 414 43.98 -2.37 18.42
N ALA A 415 42.83 -2.48 19.09
CA ALA A 415 42.82 -2.77 20.52
C ALA A 415 43.36 -4.17 20.84
N GLN A 416 43.44 -5.05 19.85
CA GLN A 416 44.00 -6.37 20.09
C GLN A 416 45.47 -6.30 20.49
N GLU A 417 46.13 -5.17 20.23
CA GLU A 417 47.51 -4.97 20.67
C GLU A 417 47.57 -4.47 22.10
N VAL A 418 46.63 -3.62 22.50
CA VAL A 418 46.60 -3.17 23.89
C VAL A 418 46.18 -4.31 24.81
N LYS A 419 45.16 -5.07 24.41
CA LYS A 419 44.69 -6.18 25.22
C LYS A 419 45.79 -7.20 25.51
N GLU A 420 46.83 -7.25 24.67
CA GLU A 420 47.88 -8.24 24.81
C GLU A 420 49.06 -7.75 25.64
N SER A 421 49.09 -6.47 26.00
CA SER A 421 50.16 -5.96 26.83
C SER A 421 50.31 -6.84 28.06
N PRO A 422 51.54 -7.14 28.50
CA PRO A 422 51.71 -7.97 29.70
C PRO A 422 51.05 -7.38 30.92
N PHE A 423 50.78 -6.07 30.92
CA PHE A 423 50.09 -5.44 32.05
C PHE A 423 48.71 -6.03 32.27
N PHE A 424 48.07 -6.54 31.21
CA PHE A 424 46.77 -7.19 31.30
C PHE A 424 46.86 -8.70 31.26
N ARG A 425 48.07 -9.27 31.40
CA ARG A 425 48.25 -10.69 31.15
C ARG A 425 47.38 -11.56 32.04
N SER A 426 46.96 -11.06 33.20
CA SER A 426 46.14 -11.83 34.12
C SER A 426 44.65 -11.80 33.78
N LEU A 427 44.24 -10.99 32.82
CA LEU A 427 42.83 -10.75 32.57
C LEU A 427 42.29 -11.69 31.51
N ASP A 428 41.05 -12.15 31.72
CA ASP A 428 40.27 -12.86 30.72
C ASP A 428 39.31 -11.83 30.12
N TRP A 429 39.61 -11.36 28.91
CA TRP A 429 38.81 -10.31 28.31
C TRP A 429 37.37 -10.73 28.06
N GLN A 430 37.11 -12.03 27.95
CA GLN A 430 35.72 -12.48 27.90
C GLN A 430 34.99 -12.11 29.18
N MET A 431 35.60 -12.40 30.33
CA MET A 431 34.98 -12.04 31.61
C MET A 431 34.88 -10.54 31.78
N VAL A 432 35.85 -9.78 31.26
CA VAL A 432 35.74 -8.33 31.29
C VAL A 432 34.46 -7.88 30.59
N PHE A 433 34.24 -8.37 29.36
CA PHE A 433 33.05 -8.00 28.61
C PHE A 433 31.78 -8.33 29.38
N LEU A 434 31.77 -9.46 30.09
CA LEU A 434 30.62 -9.87 30.87
C LEU A 434 30.50 -9.10 32.19
N GLN A 435 31.44 -8.21 32.48
CA GLN A 435 31.42 -7.43 33.71
C GLN A 435 31.37 -8.33 34.94
N LYS A 436 32.34 -9.25 35.00
CA LYS A 436 32.40 -10.21 36.10
C LYS A 436 33.52 -9.92 37.10
N TYR A 437 34.40 -8.95 36.82
CA TYR A 437 35.43 -8.60 37.77
C TYR A 437 34.88 -7.64 38.83
N PRO A 438 35.41 -7.70 40.05
CA PRO A 438 34.91 -6.84 41.13
C PRO A 438 35.30 -5.40 40.89
N PRO A 439 34.34 -4.47 40.93
CA PRO A 439 34.66 -3.05 40.77
C PRO A 439 35.44 -2.54 41.97
N PRO A 440 36.48 -1.73 41.74
CA PRO A 440 37.27 -1.23 42.87
C PRO A 440 36.45 -0.43 43.86
N LEU A 441 35.57 0.45 43.38
CA LEU A 441 34.83 1.36 44.22
C LEU A 441 33.34 1.23 43.94
N ILE A 442 32.56 1.06 44.99
CA ILE A 442 31.11 0.93 44.91
C ILE A 442 30.50 2.22 45.47
N PRO A 443 29.79 3.01 44.66
CA PRO A 443 29.29 4.29 45.16
C PRO A 443 28.11 4.08 46.11
N PRO A 444 27.95 4.95 47.10
CA PRO A 444 26.71 4.93 47.89
C PRO A 444 25.54 5.46 47.08
N ARG A 445 24.34 4.98 47.43
CA ARG A 445 23.16 5.29 46.64
C ARG A 445 22.58 6.66 47.00
N GLY A 446 23.45 7.60 47.36
CA GLY A 446 23.01 8.95 47.65
C GLY A 446 24.11 9.96 47.34
N GLU A 447 24.08 10.56 46.16
CA GLU A 447 25.17 11.37 45.66
C GLU A 447 24.68 12.73 45.18
N VAL A 448 25.54 13.73 45.33
CA VAL A 448 25.33 15.05 44.74
C VAL A 448 26.43 15.41 43.76
N ASN A 449 27.53 14.66 43.74
CA ASN A 449 28.51 14.61 42.65
C ASN A 449 29.07 16.00 42.35
N ALA A 450 29.48 16.21 41.09
CA ALA A 450 30.21 17.40 40.65
C ALA A 450 31.71 17.26 40.93
N LYS A 465 20.19 34.21 34.67
CA LYS A 465 20.48 33.08 33.78
C LYS A 465 20.69 33.54 32.34
N GLY A 466 19.77 34.35 31.83
CA GLY A 466 19.84 34.85 30.48
C GLY A 466 18.71 34.30 29.62
N ILE A 467 18.45 35.01 28.51
CA ILE A 467 17.37 34.68 27.60
C ILE A 467 17.71 35.17 26.20
N LYS A 468 16.90 34.75 25.23
CA LYS A 468 16.98 35.16 23.83
C LYS A 468 15.99 34.33 23.03
N LEU A 469 15.34 34.91 22.02
CA LEU A 469 14.22 34.21 21.40
C LEU A 469 14.67 33.16 20.38
N LEU A 470 13.77 32.77 19.47
CA LEU A 470 13.77 31.41 18.94
C LEU A 470 13.86 31.32 17.42
N ASP A 471 12.76 31.63 16.71
CA ASP A 471 12.39 31.04 15.42
C ASP A 471 13.49 30.24 14.72
N SER A 472 14.12 30.84 13.71
CA SER A 472 14.91 30.10 12.73
C SER A 472 15.87 29.10 13.33
N ASP A 473 16.14 29.19 14.64
CA ASP A 473 16.96 28.18 15.30
C ASP A 473 16.19 26.89 15.51
N GLN A 474 14.85 26.97 15.58
CA GLN A 474 14.04 25.75 15.65
C GLN A 474 14.18 24.92 14.38
N GLU A 475 14.51 25.56 13.26
CA GLU A 475 14.71 24.83 12.02
C GLU A 475 15.93 23.93 12.10
N LEU A 476 16.96 24.34 12.85
CA LEU A 476 18.17 23.53 12.98
C LEU A 476 17.95 22.25 13.77
N TYR A 477 16.75 22.05 14.33
CA TYR A 477 16.44 20.83 15.09
C TYR A 477 15.29 20.04 14.47
N ARG A 478 14.91 20.34 13.23
CA ARG A 478 13.79 19.64 12.62
C ARG A 478 14.07 18.17 12.40
N ASN A 479 15.34 17.76 12.43
CA ASN A 479 15.73 16.37 12.29
C ASN A 479 16.41 15.86 13.57
N PHE A 480 16.06 16.42 14.71
CA PHE A 480 16.62 15.96 15.98
C PHE A 480 15.88 14.72 16.48
N PRO A 481 14.56 14.69 16.43
CA PRO A 481 13.83 13.51 16.90
C PRO A 481 14.35 12.23 16.24
N LEU A 482 14.59 11.22 17.07
CA LEU A 482 15.14 9.96 16.60
C LEU A 482 14.66 8.85 17.51
N THR A 483 14.74 7.62 17.01
CA THR A 483 14.42 6.44 17.80
C THR A 483 15.25 5.27 17.29
N ILE A 484 16.04 4.69 18.19
CA ILE A 484 16.87 3.53 17.85
C ILE A 484 15.97 2.30 17.87
N SER A 485 15.73 1.70 16.70
CA SER A 485 14.83 0.56 16.63
C SER A 485 15.27 -0.55 17.56
N GLU A 486 16.56 -0.90 17.53
CA GLU A 486 17.04 -2.02 18.32
C GLU A 486 16.72 -1.85 19.79
N ARG A 487 16.77 -0.61 20.29
CA ARG A 487 16.60 -0.39 21.72
C ARG A 487 15.12 -0.29 22.11
N TRP A 488 14.28 0.29 21.26
CA TRP A 488 12.85 0.34 21.60
C TRP A 488 12.26 -1.06 21.59
N GLN A 489 12.65 -1.91 20.65
CA GLN A 489 12.17 -3.28 20.62
C GLN A 489 12.67 -4.06 21.83
N GLN A 490 13.95 -3.91 22.17
CA GLN A 490 14.50 -4.60 23.33
C GLN A 490 13.76 -4.20 24.59
N GLU A 491 13.57 -2.90 24.81
CA GLU A 491 12.79 -2.44 25.94
C GLU A 491 11.41 -3.09 25.96
N VAL A 492 10.73 -3.12 24.81
CA VAL A 492 9.40 -3.70 24.74
C VAL A 492 9.46 -5.20 25.02
N ALA A 493 10.45 -5.89 24.46
CA ALA A 493 10.55 -7.34 24.63
C ALA A 493 10.73 -7.71 26.10
N GLU A 494 11.52 -6.93 26.83
CA GLU A 494 11.87 -7.25 28.21
C GLU A 494 10.91 -6.66 29.23
N THR A 495 9.75 -6.16 28.79
CA THR A 495 8.82 -5.55 29.74
C THR A 495 7.39 -6.01 29.50
N VAL A 496 6.75 -5.46 28.47
CA VAL A 496 5.31 -5.59 28.27
C VAL A 496 4.96 -6.43 27.07
N PHE A 497 5.93 -6.87 26.28
CA PHE A 497 5.65 -7.48 24.98
C PHE A 497 4.69 -8.65 25.11
N ASP A 498 5.06 -9.66 25.90
CA ASP A 498 4.30 -10.90 25.93
C ASP A 498 2.91 -10.68 26.53
N THR A 499 2.80 -9.82 27.53
CA THR A 499 1.49 -9.58 28.14
C THR A 499 0.57 -8.81 27.21
N ILE A 500 1.07 -7.71 26.63
CA ILE A 500 0.29 -6.96 25.65
C ILE A 500 -0.23 -7.91 24.58
N ASN A 501 0.67 -8.73 24.02
CA ASN A 501 0.28 -9.70 23.02
C ASN A 501 -0.78 -10.67 23.53
N ALA A 502 -0.91 -10.82 24.85
CA ALA A 502 -1.89 -11.76 25.39
C ALA A 502 -3.29 -11.15 25.41
N GLU A 503 -3.43 -9.99 26.05
CA GLU A 503 -4.74 -9.34 26.10
C GLU A 503 -5.18 -8.88 24.71
N THR A 504 -4.25 -8.39 23.90
CA THR A 504 -4.58 -8.03 22.53
C THR A 504 -5.17 -9.21 21.78
N ASP A 505 -4.73 -10.43 22.08
CA ASP A 505 -5.30 -11.61 21.45
C ASP A 505 -6.73 -11.84 21.91
N ARG A 506 -7.00 -11.64 23.20
CA ARG A 506 -8.35 -11.84 23.72
C ARG A 506 -9.31 -10.77 23.19
N LEU A 507 -8.85 -9.52 23.15
CA LEU A 507 -9.70 -8.44 22.63
C LEU A 507 -10.06 -8.68 21.16
N GLU A 508 -9.15 -9.28 20.39
CA GLU A 508 -9.45 -9.58 19.00
C GLU A 508 -10.34 -10.80 18.85
N ALA A 509 -10.24 -11.75 19.76
CA ALA A 509 -11.09 -12.95 19.67
C ALA A 509 -12.53 -12.63 20.04
N ARG A 510 -12.73 -11.83 21.09
CA ARG A 510 -14.09 -11.48 21.50
C ARG A 510 -14.76 -10.59 20.47
N LYS A 511 -13.99 -9.70 19.83
CA LYS A 511 -14.56 -8.89 18.76
C LYS A 511 -14.97 -9.74 17.57
N LYS A 512 -14.25 -10.83 17.32
CA LYS A 512 -14.64 -11.73 16.24
C LYS A 512 -15.85 -12.56 16.63
N ALA A 513 -15.91 -13.00 17.90
CA ALA A 513 -17.08 -13.73 18.37
C ALA A 513 -18.34 -12.87 18.28
N LYS A 514 -18.21 -11.57 18.52
CA LYS A 514 -19.37 -10.70 18.46
C LYS A 514 -19.83 -10.50 17.03
N ASN A 515 -18.89 -10.31 16.10
CA ASN A 515 -19.26 -10.25 14.68
C ASN A 515 -19.91 -11.55 14.23
N LYS A 516 -19.60 -12.66 14.90
CA LYS A 516 -20.26 -13.92 14.58
C LYS A 516 -21.76 -13.82 14.85
N GLN A 517 -22.13 -13.44 16.08
CA GLN A 517 -23.54 -13.39 16.44
C GLN A 517 -24.31 -12.39 15.58
N LEU A 518 -23.69 -11.25 15.27
CA LEU A 518 -24.33 -10.22 14.47
C LEU A 518 -24.14 -10.44 12.97
N GLY A 519 -23.09 -11.13 12.57
CA GLY A 519 -22.63 -11.10 11.19
C GLY A 519 -23.00 -12.27 10.30
N HIS A 520 -21.98 -12.95 9.79
CA HIS A 520 -22.04 -13.84 8.62
C HIS A 520 -21.87 -13.00 7.36
N GLU A 521 -21.48 -11.74 7.50
CA GLU A 521 -21.43 -10.78 6.40
C GLU A 521 -20.08 -10.76 5.70
N GLU A 522 -18.99 -10.81 6.46
CA GLU A 522 -17.65 -10.53 5.95
C GLU A 522 -17.30 -11.35 4.71
N ASP A 523 -16.22 -10.97 4.02
CA ASP A 523 -15.44 -9.78 4.38
C ASP A 523 -15.41 -8.80 3.22
N TYR A 524 -15.73 -7.53 3.51
CA TYR A 524 -15.96 -6.57 2.45
C TYR A 524 -14.73 -6.40 1.54
N ALA A 525 -13.53 -6.38 2.12
CA ALA A 525 -12.33 -6.10 1.36
C ALA A 525 -11.81 -7.29 0.57
N LEU A 526 -12.45 -8.46 0.66
CA LEU A 526 -11.95 -9.67 0.03
C LEU A 526 -12.73 -9.98 -1.24
N GLY A 527 -12.11 -10.79 -2.10
CA GLY A 527 -12.77 -11.25 -3.30
C GLY A 527 -13.09 -10.18 -4.32
N LYS A 528 -12.38 -9.06 -4.31
CA LYS A 528 -12.62 -8.01 -5.28
C LYS A 528 -11.30 -7.47 -5.81
N ASP A 529 -11.24 -6.17 -6.07
CA ASP A 529 -10.00 -5.51 -6.46
C ASP A 529 -9.63 -4.40 -5.49
N CYS A 530 -10.13 -4.47 -4.26
CA CYS A 530 -9.79 -3.51 -3.22
C CYS A 530 -8.28 -3.37 -3.07
N ILE A 531 -7.80 -2.13 -3.11
CA ILE A 531 -6.36 -1.86 -3.06
C ILE A 531 -5.86 -1.81 -1.63
N MET A 532 -6.66 -1.25 -0.72
CA MET A 532 -6.21 -1.01 0.64
C MET A 532 -7.39 -0.53 1.46
N HIS A 533 -7.36 -0.78 2.77
CA HIS A 533 -8.42 -0.33 3.66
C HIS A 533 -7.84 0.02 5.02
N GLY A 534 -8.66 0.65 5.84
CA GLY A 534 -8.25 1.05 7.17
C GLY A 534 -9.04 2.25 7.64
N TYR A 535 -8.84 2.60 8.91
CA TYR A 535 -9.53 3.74 9.49
C TYR A 535 -8.87 5.05 9.08
N MET A 536 -9.69 6.09 8.99
CA MET A 536 -9.23 7.47 8.90
C MET A 536 -10.34 8.34 9.45
N SER A 537 -9.99 9.58 9.78
CA SER A 537 -10.96 10.57 10.22
C SER A 537 -11.25 11.54 9.09
N LYS A 538 -12.53 11.70 8.77
CA LYS A 538 -12.98 12.55 7.67
C LYS A 538 -13.69 13.77 8.22
N MET A 539 -13.42 14.91 7.61
CA MET A 539 -14.21 16.12 7.83
C MET A 539 -14.53 16.72 6.48
N GLY A 540 -15.82 17.00 6.24
CA GLY A 540 -16.29 17.35 4.92
C GLY A 540 -16.55 18.84 4.75
N ASN A 541 -17.11 19.15 3.59
CA ASN A 541 -17.53 20.51 3.29
C ASN A 541 -18.85 20.81 3.99
N PRO A 542 -18.93 21.83 4.85
CA PRO A 542 -17.84 22.65 5.37
C PRO A 542 -17.73 22.51 6.88
N PHE A 543 -17.75 23.65 7.58
CA PHE A 543 -18.12 23.68 8.99
C PHE A 543 -19.65 23.59 9.03
N LEU A 544 -20.14 22.44 9.51
CA LEU A 544 -21.47 21.92 9.21
C LEU A 544 -21.26 20.42 9.21
N THR A 545 -20.00 20.05 9.35
CA THR A 545 -19.52 18.72 9.70
C THR A 545 -18.50 18.89 10.81
N GLN A 546 -18.09 17.77 11.41
CA GLN A 546 -16.95 17.76 12.30
C GLN A 546 -16.25 16.42 12.16
N TRP A 547 -15.09 16.31 12.80
CA TRP A 547 -14.28 15.10 12.68
C TRP A 547 -15.09 13.85 13.00
N GLN A 548 -15.12 12.93 12.05
CA GLN A 548 -15.79 11.65 12.20
C GLN A 548 -14.84 10.54 11.75
N ARG A 549 -14.80 9.46 12.51
CA ARG A 549 -13.93 8.33 12.23
C ARG A 549 -14.71 7.29 11.42
N ARG A 550 -14.12 6.81 10.34
CA ARG A 550 -14.77 5.84 9.47
C ARG A 550 -13.74 4.85 8.96
N TYR A 551 -14.24 3.72 8.47
CA TYR A 551 -13.41 2.69 7.86
C TYR A 551 -13.51 2.84 6.34
N PHE A 552 -12.38 3.16 5.70
CA PHE A 552 -12.33 3.39 4.27
C PHE A 552 -11.88 2.15 3.52
N TYR A 553 -12.39 1.99 2.31
CA TYR A 553 -11.92 0.99 1.35
C TYR A 553 -11.55 1.71 0.06
N LEU A 554 -10.31 1.53 -0.37
CA LEU A 554 -9.83 2.15 -1.61
C LEU A 554 -9.84 1.11 -2.72
N PHE A 555 -10.63 1.37 -3.76
CA PHE A 555 -10.67 0.58 -4.97
C PHE A 555 -10.02 1.33 -6.12
N PRO A 556 -9.78 0.66 -7.25
CA PRO A 556 -9.13 1.36 -8.37
C PRO A 556 -9.90 2.57 -8.86
N ASN A 557 -11.23 2.60 -8.71
CA ASN A 557 -12.04 3.66 -9.27
C ASN A 557 -12.85 4.43 -8.23
N ARG A 558 -12.70 4.15 -6.93
CA ARG A 558 -13.54 4.83 -5.96
C ARG A 558 -12.96 4.63 -4.57
N LEU A 559 -13.30 5.57 -3.68
CA LEU A 559 -12.96 5.51 -2.26
C LEU A 559 -14.26 5.46 -1.48
N GLU A 560 -14.60 4.29 -0.95
CA GLU A 560 -15.78 4.09 -0.13
C GLU A 560 -15.41 4.21 1.34
N TRP A 561 -16.42 4.48 2.17
CA TRP A 561 -16.22 4.49 3.61
C TRP A 561 -17.53 4.16 4.31
N ARG A 562 -17.41 3.63 5.52
CA ARG A 562 -18.55 3.17 6.29
C ARG A 562 -18.39 3.60 7.74
N GLY A 563 -19.49 3.53 8.47
CA GLY A 563 -19.46 3.56 9.91
C GLY A 563 -19.42 2.15 10.46
N GLU A 564 -19.89 1.98 11.68
CA GLU A 564 -19.96 0.67 12.32
C GLU A 564 -21.35 0.09 12.14
N GLY A 565 -21.42 -1.21 11.89
CA GLY A 565 -22.69 -1.89 11.76
C GLY A 565 -23.45 -1.59 10.48
N GLU A 566 -22.75 -1.29 9.39
CA GLU A 566 -23.40 -1.10 8.10
C GLU A 566 -22.36 -0.94 6.99
N ALA A 567 -22.48 -1.75 5.93
CA ALA A 567 -21.55 -1.66 4.82
C ALA A 567 -21.59 -0.25 4.21
N PRO A 568 -20.55 0.13 3.46
CA PRO A 568 -20.41 1.53 3.04
C PRO A 568 -21.62 2.04 2.26
N GLN A 569 -22.10 3.21 2.65
CA GLN A 569 -23.18 3.91 1.94
C GLN A 569 -22.68 5.15 1.21
N SER A 570 -21.42 5.52 1.37
CA SER A 570 -20.86 6.71 0.76
C SER A 570 -19.60 6.33 0.01
N LEU A 571 -19.19 7.19 -0.90
CA LEU A 571 -17.95 6.96 -1.64
C LEU A 571 -17.52 8.27 -2.29
N LEU A 572 -16.51 8.18 -3.13
CA LEU A 572 -15.91 9.33 -3.80
C LEU A 572 -15.06 8.79 -4.94
N THR A 573 -15.46 9.06 -6.18
CA THR A 573 -14.84 8.38 -7.30
C THR A 573 -13.49 9.01 -7.64
N MET A 574 -12.59 8.17 -8.16
CA MET A 574 -11.27 8.66 -8.53
C MET A 574 -11.36 9.76 -9.58
N GLU A 575 -12.39 9.73 -10.43
CA GLU A 575 -12.48 10.71 -11.49
C GLU A 575 -12.90 12.09 -11.00
N GLU A 576 -13.52 12.19 -9.82
CA GLU A 576 -13.88 13.48 -9.26
C GLU A 576 -12.82 14.03 -8.32
N ILE A 577 -11.72 13.32 -8.11
CA ILE A 577 -10.65 13.77 -7.23
C ILE A 577 -9.63 14.54 -8.06
N GLN A 578 -9.49 15.84 -7.77
CA GLN A 578 -8.61 16.68 -8.58
C GLN A 578 -7.15 16.51 -8.17
N SER A 579 -6.86 16.55 -6.87
CA SER A 579 -5.49 16.42 -6.39
C SER A 579 -5.53 15.97 -4.94
N VAL A 580 -4.34 15.66 -4.42
CA VAL A 580 -4.16 15.22 -3.04
C VAL A 580 -3.00 15.99 -2.46
N GLU A 581 -3.29 16.92 -1.55
CA GLU A 581 -2.28 17.76 -0.93
C GLU A 581 -2.17 17.45 0.57
N GLU A 582 -1.00 17.70 1.12
CA GLU A 582 -0.76 17.58 2.56
C GLU A 582 -0.93 18.96 3.17
N THR A 583 -1.88 19.08 4.09
CA THR A 583 -2.20 20.35 4.74
C THR A 583 -1.88 20.27 6.22
N GLN A 584 -2.17 21.36 6.94
CA GLN A 584 -1.86 21.49 8.35
C GLN A 584 -3.09 21.98 9.10
N ILE A 585 -3.45 21.29 10.18
CA ILE A 585 -4.63 21.63 10.97
C ILE A 585 -4.40 21.21 12.42
N LYS A 586 -4.53 22.17 13.34
CA LYS A 586 -4.40 21.89 14.77
C LYS A 586 -3.06 21.22 15.07
N GLU A 587 -2.00 21.74 14.48
CA GLU A 587 -0.65 21.18 14.62
C GLU A 587 -0.59 19.72 14.20
N ARG A 588 -1.54 19.28 13.35
CA ARG A 588 -1.62 17.90 12.89
C ARG A 588 -1.71 17.89 11.38
N LYS A 589 -0.90 17.04 10.76
CA LYS A 589 -0.85 16.96 9.30
C LYS A 589 -1.99 16.09 8.78
N CYS A 590 -2.67 16.58 7.74
CA CYS A 590 -3.83 15.92 7.16
C CYS A 590 -3.68 15.86 5.66
N LEU A 591 -4.64 15.19 5.02
CA LEU A 591 -4.73 15.10 3.57
C LEU A 591 -5.88 15.98 3.08
N LEU A 592 -5.60 16.83 2.10
CA LEU A 592 -6.60 17.71 1.51
C LEU A 592 -6.95 17.20 0.12
N LEU A 593 -8.20 16.80 -0.07
CA LEU A 593 -8.71 16.31 -1.35
C LEU A 593 -9.58 17.38 -1.99
N LYS A 594 -9.14 17.90 -3.13
CA LYS A 594 -9.93 18.86 -3.90
C LYS A 594 -10.83 18.09 -4.87
N ILE A 595 -12.13 18.30 -4.76
CA ILE A 595 -13.10 17.60 -5.59
C ILE A 595 -13.54 18.53 -6.72
N ARG A 596 -14.06 17.92 -7.80
CA ARG A 596 -14.36 18.66 -9.02
C ARG A 596 -15.23 19.88 -8.74
N GLY A 597 -16.36 19.68 -8.05
CA GLY A 597 -17.30 20.76 -7.83
C GLY A 597 -16.83 21.84 -6.86
N GLY A 598 -15.52 22.09 -6.82
CA GLY A 598 -14.97 23.05 -5.89
C GLY A 598 -15.02 22.65 -4.43
N LYS A 599 -15.48 21.44 -4.12
CA LYS A 599 -15.62 20.98 -2.75
C LYS A 599 -14.29 20.42 -2.25
N GLN A 600 -14.19 20.27 -0.93
CA GLN A 600 -12.97 19.78 -0.29
C GLN A 600 -13.31 18.62 0.64
N PHE A 601 -12.34 17.70 0.74
CA PHE A 601 -12.46 16.51 1.58
C PHE A 601 -11.15 16.33 2.30
N ILE A 602 -11.18 16.40 3.64
CA ILE A 602 -9.97 16.35 4.45
C ILE A 602 -9.95 15.05 5.25
N LEU A 603 -8.78 14.41 5.31
CA LEU A 603 -8.59 13.16 6.03
C LEU A 603 -7.49 13.31 7.06
N GLN A 604 -7.60 12.54 8.14
CA GLN A 604 -6.62 12.56 9.22
C GLN A 604 -6.34 11.12 9.64
N CYS A 605 -5.13 10.64 9.38
CA CYS A 605 -4.77 9.28 9.70
C CYS A 605 -4.33 9.15 11.15
N ASP A 606 -4.41 7.92 11.66
CA ASP A 606 -4.07 7.65 13.05
C ASP A 606 -2.58 7.49 13.28
N SER A 607 -1.77 7.32 12.23
CA SER A 607 -0.34 7.17 12.40
C SER A 607 0.38 7.81 11.22
N ASP A 608 1.63 8.18 11.44
CA ASP A 608 2.44 8.76 10.37
C ASP A 608 2.64 7.81 9.20
N PRO A 609 2.90 6.51 9.39
CA PRO A 609 2.99 5.61 8.23
C PRO A 609 1.71 5.61 7.41
N GLU A 610 0.56 5.58 8.08
CA GLU A 610 -0.71 5.61 7.36
C GLU A 610 -0.83 6.86 6.49
N LEU A 611 -0.45 8.03 7.03
CA LEU A 611 -0.51 9.24 6.24
C LEU A 611 0.36 9.14 4.99
N VAL A 612 1.52 8.50 5.10
CA VAL A 612 2.40 8.36 3.95
C VAL A 612 1.83 7.39 2.94
N GLN A 613 1.20 6.31 3.42
CA GLN A 613 0.73 5.27 2.51
C GLN A 613 -0.59 5.66 1.84
N TRP A 614 -1.48 6.34 2.58
CA TRP A 614 -2.71 6.84 1.98
C TRP A 614 -2.40 7.94 0.96
N LYS A 615 -1.57 8.92 1.34
CA LYS A 615 -1.20 9.97 0.40
C LYS A 615 -0.63 9.37 -0.88
N LYS A 616 0.12 8.28 -0.76
CA LYS A 616 0.73 7.67 -1.93
C LYS A 616 -0.30 6.86 -2.74
N GLU A 617 -1.13 6.07 -2.07
CA GLU A 617 -2.05 5.19 -2.79
C GLU A 617 -3.20 5.96 -3.42
N LEU A 618 -3.55 7.12 -2.86
CA LEU A 618 -4.61 7.92 -3.47
C LEU A 618 -4.12 8.59 -4.75
N ARG A 619 -2.93 9.18 -4.71
CA ARG A 619 -2.36 9.78 -5.92
C ARG A 619 -2.24 8.76 -7.03
N ASP A 620 -1.68 7.60 -6.72
CA ASP A 620 -1.54 6.56 -7.73
C ASP A 620 -2.89 6.06 -8.24
N ALA A 621 -3.89 6.01 -7.36
CA ALA A 621 -5.19 5.46 -7.76
C ALA A 621 -5.92 6.42 -8.71
N TYR A 622 -6.05 7.69 -8.32
CA TYR A 622 -6.85 8.62 -9.11
C TYR A 622 -6.18 8.97 -10.42
N ARG A 623 -4.84 9.06 -10.44
CA ARG A 623 -4.14 9.35 -11.69
C ARG A 623 -4.33 8.20 -12.69
N GLU A 624 -4.01 6.98 -12.28
CA GLU A 624 -4.21 5.84 -13.17
C GLU A 624 -5.66 5.72 -13.61
N ALA A 625 -6.61 6.09 -12.76
CA ALA A 625 -8.02 5.95 -13.09
C ALA A 625 -8.46 6.99 -14.10
N GLN A 626 -8.07 8.24 -13.91
CA GLN A 626 -8.44 9.28 -14.87
C GLN A 626 -7.76 9.05 -16.21
N GLN A 627 -6.50 8.63 -16.20
CA GLN A 627 -5.83 8.29 -17.45
C GLN A 627 -6.52 7.11 -18.13
N LEU A 628 -7.19 6.26 -17.35
CA LEU A 628 -7.85 5.07 -17.90
C LEU A 628 -9.24 5.41 -18.46
N VAL A 629 -10.04 6.17 -17.70
CA VAL A 629 -11.37 6.51 -18.15
C VAL A 629 -11.34 7.28 -19.46
N GLN A 630 -10.27 8.04 -19.70
CA GLN A 630 -10.21 8.89 -20.88
C GLN A 630 -10.25 8.07 -22.16
N ARG A 631 -9.63 6.90 -22.16
CA ARG A 631 -9.57 6.04 -23.34
C ARG A 631 -10.73 5.03 -23.39
N VAL A 632 -11.83 5.31 -22.72
CA VAL A 632 -13.00 4.43 -22.74
C VAL A 632 -14.20 5.23 -23.24
N PRO A 633 -14.66 5.00 -24.48
CA PRO A 633 -15.76 5.81 -25.02
C PRO A 633 -16.97 5.88 -24.10
N LYS A 634 -17.37 4.73 -23.54
CA LYS A 634 -18.58 4.67 -22.74
C LYS A 634 -18.44 5.33 -21.37
N MET A 635 -17.21 5.57 -20.91
CA MET A 635 -16.97 6.15 -19.59
C MET A 635 -16.52 7.61 -19.62
N LYS A 636 -15.80 8.02 -20.66
CA LYS A 636 -15.22 9.36 -20.66
C LYS A 636 -16.29 10.43 -20.88
N ASN A 637 -15.99 11.63 -20.41
CA ASN A 637 -16.90 12.76 -20.60
C ASN A 637 -16.87 13.22 -22.05
N LYS A 638 -18.04 13.31 -22.66
CA LYS A 638 -18.18 13.78 -24.02
C LYS A 638 -18.61 15.25 -24.02
N PRO A 639 -18.33 15.99 -25.11
CA PRO A 639 -18.67 17.41 -25.21
C PRO A 639 -20.16 17.65 -25.46
N SER B 1 1.15 -4.05 -56.79
CA SER B 1 0.31 -4.15 -57.98
C SER B 1 -0.88 -5.06 -57.72
N GLU B 2 -0.61 -6.25 -57.20
CA GLU B 2 -1.70 -7.15 -56.82
C GLU B 2 -2.56 -6.55 -55.72
N LEU B 3 -2.01 -5.61 -54.93
CA LEU B 3 -2.80 -4.93 -53.91
C LEU B 3 -3.56 -3.74 -54.49
N ASP B 4 -3.03 -3.11 -55.52
CA ASP B 4 -3.75 -2.02 -56.19
C ASP B 4 -4.95 -2.55 -56.96
N GLN B 5 -4.86 -3.78 -57.49
CA GLN B 5 -5.98 -4.36 -58.20
C GLN B 5 -7.05 -4.88 -57.25
N LEU B 6 -6.67 -5.25 -56.03
CA LEU B 6 -7.66 -5.65 -55.03
C LEU B 6 -8.35 -4.45 -54.40
N ARG B 7 -7.66 -3.32 -54.29
CA ARG B 7 -8.30 -2.11 -53.76
C ARG B 7 -9.28 -1.53 -54.77
N GLN B 8 -8.92 -1.54 -56.06
CA GLN B 8 -9.82 -1.01 -57.08
C GLN B 8 -11.04 -1.91 -57.24
N GLU B 9 -10.86 -3.23 -57.17
CA GLU B 9 -12.00 -4.13 -57.24
C GLU B 9 -12.91 -3.96 -56.02
N ALA B 10 -12.31 -3.71 -54.85
CA ALA B 10 -13.12 -3.52 -53.65
C ALA B 10 -13.98 -2.28 -53.75
N GLU B 11 -13.44 -1.21 -54.34
CA GLU B 11 -14.22 0.02 -54.51
C GLU B 11 -15.26 -0.12 -55.62
N GLN B 12 -15.00 -0.98 -56.60
CA GLN B 12 -16.02 -1.28 -57.60
C GLN B 12 -17.21 -1.98 -56.96
N LEU B 13 -16.95 -2.99 -56.13
CA LEU B 13 -18.03 -3.67 -55.43
C LEU B 13 -18.80 -2.71 -54.52
N LYS B 14 -18.11 -1.73 -53.92
CA LYS B 14 -18.80 -0.71 -53.14
C LYS B 14 -19.71 0.14 -54.02
N ASN B 15 -19.31 0.40 -55.26
CA ASN B 15 -20.18 1.10 -56.19
C ASN B 15 -21.44 0.29 -56.47
N GLN B 16 -21.27 -1.01 -56.76
CA GLN B 16 -22.42 -1.86 -57.04
C GLN B 16 -23.42 -1.83 -55.88
N ILE B 17 -22.93 -2.04 -54.65
CA ILE B 17 -23.82 -1.99 -53.50
C ILE B 17 -24.49 -0.63 -53.40
N ARG B 18 -23.73 0.45 -53.61
CA ARG B 18 -24.31 1.78 -53.54
C ARG B 18 -25.38 1.97 -54.61
N ASP B 19 -25.06 1.61 -55.85
CA ASP B 19 -26.03 1.76 -56.93
C ASP B 19 -27.19 0.78 -56.77
N ALA B 20 -26.90 -0.43 -56.28
CA ALA B 20 -27.97 -1.41 -56.07
C ALA B 20 -28.95 -0.91 -55.01
N ARG B 21 -28.44 -0.26 -53.96
CA ARG B 21 -29.32 0.30 -52.95
C ARG B 21 -30.16 1.44 -53.52
N LYS B 22 -29.51 2.35 -54.25
CA LYS B 22 -30.25 3.44 -54.91
C LYS B 22 -31.30 2.88 -55.86
N ALA B 23 -31.04 1.73 -56.49
CA ALA B 23 -31.98 1.17 -57.45
C ALA B 23 -33.35 0.93 -56.82
N CYS B 24 -33.39 0.57 -55.52
CA CYS B 24 -34.66 0.30 -54.86
C CYS B 24 -35.07 1.40 -53.88
N ALA B 25 -34.50 2.60 -54.04
CA ALA B 25 -34.93 3.75 -53.25
C ALA B 25 -36.04 4.50 -54.00
N ASP B 26 -37.17 3.81 -54.18
CA ASP B 26 -38.28 4.36 -54.95
C ASP B 26 -39.11 5.34 -54.14
N ALA B 27 -39.10 5.24 -52.81
CA ALA B 27 -39.88 6.12 -51.96
C ALA B 27 -39.25 6.15 -50.58
N THR B 28 -39.75 7.06 -49.75
CA THR B 28 -39.23 7.27 -48.41
C THR B 28 -40.26 6.85 -47.38
N LEU B 29 -39.76 6.35 -46.24
CA LEU B 29 -40.67 6.01 -45.14
C LEU B 29 -41.55 7.20 -44.77
N SER B 30 -40.98 8.41 -44.81
CA SER B 30 -41.76 9.60 -44.48
C SER B 30 -42.96 9.74 -45.40
N GLN B 31 -42.77 9.48 -46.70
CA GLN B 31 -43.88 9.58 -47.65
C GLN B 31 -44.94 8.52 -47.39
N ILE B 32 -44.51 7.26 -47.24
CA ILE B 32 -45.45 6.15 -47.05
C ILE B 32 -46.36 6.38 -45.86
N THR B 33 -45.89 7.09 -44.84
CA THR B 33 -46.61 7.21 -43.58
C THR B 33 -47.34 8.54 -43.42
N ASN B 34 -47.37 9.37 -44.47
CA ASN B 34 -48.01 10.68 -44.35
C ASN B 34 -49.51 10.60 -44.07
N ASN B 35 -50.13 9.44 -44.28
CA ASN B 35 -51.57 9.33 -44.07
C ASN B 35 -51.97 8.95 -42.66
N ILE B 36 -51.09 8.27 -41.92
CA ILE B 36 -51.42 7.92 -40.54
C ILE B 36 -51.39 9.18 -39.68
N ASP B 37 -52.19 9.18 -38.62
CA ASP B 37 -52.23 10.33 -37.74
C ASP B 37 -51.02 10.35 -36.82
N PRO B 38 -50.54 11.54 -36.46
CA PRO B 38 -49.40 11.60 -35.52
C PRO B 38 -49.79 11.04 -34.16
N VAL B 39 -48.78 10.53 -33.44
CA VAL B 39 -49.02 9.91 -32.15
C VAL B 39 -49.43 10.90 -31.08
N GLY B 40 -49.23 12.19 -31.32
CA GLY B 40 -49.55 13.19 -30.32
C GLY B 40 -48.41 13.37 -29.31
N ARG B 41 -48.73 14.08 -28.23
CA ARG B 41 -47.75 14.34 -27.19
C ARG B 41 -47.70 13.16 -26.23
N ILE B 42 -46.55 12.51 -26.14
CA ILE B 42 -46.36 11.36 -25.26
C ILE B 42 -45.82 11.88 -23.92
N GLN B 43 -46.63 11.74 -22.87
CA GLN B 43 -46.23 12.12 -21.52
C GLN B 43 -46.27 10.89 -20.63
N MET B 44 -45.22 10.71 -19.84
CA MET B 44 -45.18 9.65 -18.84
C MET B 44 -44.74 10.24 -17.51
N ARG B 45 -45.08 9.54 -16.44
CA ARG B 45 -44.70 9.93 -15.10
C ARG B 45 -43.78 8.88 -14.50
N THR B 46 -42.95 9.31 -13.56
CA THR B 46 -42.10 8.39 -12.81
C THR B 46 -42.96 7.61 -11.83
N ARG B 47 -43.08 6.30 -12.06
CA ARG B 47 -43.80 5.44 -11.12
C ARG B 47 -42.89 4.86 -10.05
N ARG B 48 -41.60 4.73 -10.34
CA ARG B 48 -40.66 4.16 -9.38
C ARG B 48 -39.31 4.85 -9.53
N THR B 49 -38.68 5.13 -8.39
CA THR B 49 -37.27 5.47 -8.34
C THR B 49 -36.56 4.32 -7.63
N LEU B 50 -35.60 3.71 -8.32
CA LEU B 50 -34.83 2.60 -7.75
C LEU B 50 -33.56 3.15 -7.13
N ARG B 51 -33.46 3.07 -5.80
CA ARG B 51 -32.34 3.61 -5.05
C ARG B 51 -31.48 2.48 -4.50
N GLY B 52 -30.16 2.66 -4.57
CA GLY B 52 -29.26 1.65 -4.07
C GLY B 52 -27.83 1.77 -4.58
N HIS B 53 -27.67 2.12 -5.85
CA HIS B 53 -26.33 2.29 -6.40
C HIS B 53 -25.68 3.54 -5.83
N LEU B 54 -24.39 3.45 -5.55
CA LEU B 54 -23.64 4.52 -4.91
C LEU B 54 -22.93 5.45 -5.90
N ALA B 55 -22.88 5.08 -7.16
CA ALA B 55 -22.19 5.88 -8.17
C ALA B 55 -22.91 5.71 -9.51
N LYS B 56 -22.24 6.07 -10.60
CA LYS B 56 -22.86 6.04 -11.91
C LYS B 56 -23.43 4.67 -12.24
N ILE B 57 -24.51 4.67 -13.02
CA ILE B 57 -25.08 3.46 -13.59
C ILE B 57 -24.69 3.41 -15.06
N TYR B 58 -24.24 2.26 -15.53
CA TYR B 58 -23.74 2.10 -16.88
C TYR B 58 -24.62 1.24 -17.77
N ALA B 59 -25.56 0.50 -17.20
CA ALA B 59 -26.31 -0.47 -17.98
C ALA B 59 -27.39 -1.12 -17.14
N MET B 60 -28.53 -1.43 -17.77
CA MET B 60 -29.55 -2.27 -17.16
C MET B 60 -30.10 -3.19 -18.24
N HIS B 61 -30.91 -4.15 -17.82
CA HIS B 61 -31.54 -5.07 -18.76
C HIS B 61 -32.73 -5.72 -18.07
N TRP B 62 -33.89 -5.65 -18.72
CA TRP B 62 -35.12 -6.20 -18.17
C TRP B 62 -35.12 -7.73 -18.27
N GLY B 63 -35.76 -8.37 -17.28
CA GLY B 63 -36.04 -9.78 -17.38
C GLY B 63 -37.28 -10.06 -18.20
N THR B 64 -37.42 -11.32 -18.63
CA THR B 64 -38.54 -11.68 -19.50
C THR B 64 -39.89 -11.59 -18.80
N ASP B 65 -39.92 -11.40 -17.49
CA ASP B 65 -41.19 -11.26 -16.77
C ASP B 65 -41.64 -9.82 -16.66
N SER B 66 -40.91 -8.87 -17.25
CA SER B 66 -41.25 -7.45 -17.20
C SER B 66 -41.34 -6.93 -15.78
N ARG B 67 -40.69 -7.59 -14.83
CA ARG B 67 -40.77 -7.18 -13.43
C ARG B 67 -39.39 -7.06 -12.79
N LEU B 68 -38.49 -8.01 -13.02
CA LEU B 68 -37.14 -7.95 -12.50
C LEU B 68 -36.21 -7.35 -13.54
N LEU B 69 -35.26 -6.53 -13.08
CA LEU B 69 -34.25 -5.99 -13.97
C LEU B 69 -32.92 -5.91 -13.21
N VAL B 70 -31.84 -6.11 -13.94
CA VAL B 70 -30.49 -6.06 -13.40
C VAL B 70 -29.81 -4.80 -13.93
N SER B 71 -28.89 -4.26 -13.14
CA SER B 71 -28.13 -3.08 -13.53
C SER B 71 -26.74 -3.14 -12.91
N ALA B 72 -25.76 -2.62 -13.65
CA ALA B 72 -24.37 -2.57 -13.22
C ALA B 72 -23.94 -1.12 -13.04
N SER B 73 -23.08 -0.88 -12.06
CA SER B 73 -22.79 0.49 -11.65
C SER B 73 -21.29 0.70 -11.45
N GLN B 74 -20.92 1.97 -11.42
CA GLN B 74 -19.56 2.39 -11.12
C GLN B 74 -19.10 1.93 -9.75
N ASP B 75 -20.03 1.62 -8.84
CA ASP B 75 -19.71 1.16 -7.50
C ASP B 75 -19.30 -0.30 -7.45
N GLY B 76 -19.10 -0.94 -8.60
CA GLY B 76 -18.69 -2.34 -8.64
C GLY B 76 -19.74 -3.31 -8.16
N LYS B 77 -21.00 -3.09 -8.51
CA LYS B 77 -22.09 -3.96 -8.08
C LYS B 77 -23.07 -4.17 -9.22
N LEU B 78 -23.64 -5.37 -9.25
CA LEU B 78 -24.86 -5.67 -9.97
C LEU B 78 -26.00 -5.71 -8.95
N ILE B 79 -27.07 -4.97 -9.23
CA ILE B 79 -28.27 -5.02 -8.40
C ILE B 79 -29.41 -5.57 -9.24
N ILE B 80 -30.11 -6.55 -8.70
CA ILE B 80 -31.25 -7.17 -9.36
C ILE B 80 -32.49 -6.75 -8.59
N TRP B 81 -33.27 -5.83 -9.16
CA TRP B 81 -34.39 -5.21 -8.49
C TRP B 81 -35.70 -5.92 -8.83
N ASP B 82 -36.70 -5.68 -7.97
CA ASP B 82 -38.10 -5.97 -8.27
C ASP B 82 -38.77 -4.61 -8.49
N SER B 83 -38.99 -4.26 -9.76
CA SER B 83 -39.46 -2.92 -10.09
C SER B 83 -40.82 -2.61 -9.45
N TYR B 84 -41.69 -3.61 -9.33
CA TYR B 84 -43.01 -3.37 -8.74
C TYR B 84 -42.90 -2.79 -7.33
N THR B 85 -42.10 -3.44 -6.47
CA THR B 85 -41.94 -3.00 -5.09
C THR B 85 -40.75 -2.10 -4.88
N THR B 86 -39.72 -2.23 -5.72
CA THR B 86 -38.43 -1.53 -5.66
C THR B 86 -37.45 -2.26 -4.73
N ASN B 87 -37.82 -3.39 -4.17
CA ASN B 87 -36.89 -4.13 -3.33
C ASN B 87 -35.76 -4.72 -4.17
N LYS B 88 -34.66 -5.02 -3.50
CA LYS B 88 -33.52 -5.67 -4.13
C LYS B 88 -33.62 -7.17 -3.89
N VAL B 89 -33.62 -7.95 -4.97
CA VAL B 89 -33.58 -9.40 -4.84
C VAL B 89 -32.15 -9.92 -4.70
N HIS B 90 -31.17 -9.17 -5.19
CA HIS B 90 -29.77 -9.56 -5.11
C HIS B 90 -28.92 -8.30 -5.20
N ALA B 91 -27.82 -8.28 -4.44
CA ALA B 91 -26.80 -7.25 -4.55
C ALA B 91 -25.48 -7.97 -4.74
N ILE B 92 -24.96 -7.96 -5.96
CA ILE B 92 -23.81 -8.78 -6.32
C ILE B 92 -22.58 -7.90 -6.43
N PRO B 93 -21.69 -7.91 -5.43
CA PRO B 93 -20.41 -7.22 -5.59
C PRO B 93 -19.52 -7.98 -6.55
N LEU B 94 -18.89 -7.24 -7.46
CA LEU B 94 -18.07 -7.83 -8.51
C LEU B 94 -16.60 -7.85 -8.09
N ARG B 95 -15.86 -8.78 -8.68
CA ARG B 95 -14.44 -8.86 -8.41
C ARG B 95 -13.62 -7.88 -9.26
N SER B 96 -14.26 -7.16 -10.16
CA SER B 96 -13.61 -6.10 -10.93
C SER B 96 -14.50 -4.87 -10.91
N SER B 97 -13.91 -3.72 -10.57
CA SER B 97 -14.69 -2.50 -10.40
C SER B 97 -15.14 -1.89 -11.71
N TRP B 98 -14.49 -2.24 -12.84
CA TRP B 98 -14.72 -1.53 -14.10
C TRP B 98 -15.82 -2.18 -14.94
N VAL B 99 -16.91 -2.60 -14.30
CA VAL B 99 -18.03 -3.18 -15.02
C VAL B 99 -18.64 -2.13 -15.94
N MET B 100 -18.98 -2.54 -17.17
CA MET B 100 -19.56 -1.65 -18.17
C MET B 100 -20.88 -2.15 -18.76
N THR B 101 -21.22 -3.42 -18.59
CA THR B 101 -22.40 -3.98 -19.22
C THR B 101 -22.95 -5.09 -18.33
N CYS B 102 -24.18 -5.51 -18.62
CA CYS B 102 -24.80 -6.59 -17.89
C CYS B 102 -25.99 -7.11 -18.70
N ALA B 103 -26.31 -8.38 -18.49
CA ALA B 103 -27.36 -9.05 -19.25
C ALA B 103 -28.14 -9.96 -18.32
N TYR B 104 -29.39 -10.21 -18.70
CA TYR B 104 -30.32 -11.04 -17.94
C TYR B 104 -30.73 -12.20 -18.85
N ALA B 105 -30.53 -13.42 -18.37
CA ALA B 105 -30.87 -14.57 -19.18
C ALA B 105 -32.38 -14.71 -19.29
N PRO B 106 -32.91 -15.05 -20.47
CA PRO B 106 -34.36 -15.27 -20.58
C PRO B 106 -34.93 -16.19 -19.51
N SER B 107 -34.24 -17.30 -19.20
CA SER B 107 -34.72 -18.20 -18.16
C SER B 107 -34.78 -17.53 -16.79
N GLY B 108 -34.10 -16.40 -16.62
CA GLY B 108 -33.99 -15.77 -15.31
C GLY B 108 -33.01 -16.44 -14.39
N ASN B 109 -32.30 -17.48 -14.85
CA ASN B 109 -31.41 -18.25 -14.00
C ASN B 109 -30.05 -17.60 -13.81
N TYR B 110 -29.62 -16.77 -14.76
CA TYR B 110 -28.29 -16.20 -14.73
C TYR B 110 -28.33 -14.75 -15.16
N VAL B 111 -27.32 -13.99 -14.71
CA VAL B 111 -27.00 -12.69 -15.28
C VAL B 111 -25.52 -12.71 -15.63
N ALA B 112 -25.11 -11.74 -16.43
CA ALA B 112 -23.74 -11.63 -16.87
C ALA B 112 -23.33 -10.17 -16.83
N CYS B 113 -22.03 -9.93 -16.98
CA CYS B 113 -21.49 -8.57 -16.88
C CYS B 113 -19.99 -8.64 -17.16
N GLY B 114 -19.40 -7.47 -17.36
CA GLY B 114 -18.00 -7.38 -17.68
C GLY B 114 -17.64 -5.94 -17.95
N GLY B 115 -16.38 -5.73 -18.29
CA GLY B 115 -15.91 -4.37 -18.51
C GLY B 115 -14.46 -4.29 -18.90
N LEU B 116 -13.71 -3.41 -18.23
CA LEU B 116 -12.29 -3.30 -18.50
C LEU B 116 -11.51 -4.56 -18.11
N ASP B 117 -12.14 -5.50 -17.39
CA ASP B 117 -11.49 -6.77 -17.08
C ASP B 117 -11.42 -7.71 -18.28
N ASN B 118 -12.00 -7.33 -19.42
CA ASN B 118 -12.00 -8.15 -20.62
C ASN B 118 -12.68 -9.51 -20.41
N ILE B 119 -13.55 -9.61 -19.42
CA ILE B 119 -14.17 -10.87 -19.06
C ILE B 119 -15.68 -10.71 -19.05
N CYS B 120 -16.38 -11.73 -19.53
CA CYS B 120 -17.83 -11.84 -19.36
C CYS B 120 -18.08 -12.89 -18.28
N SER B 121 -18.57 -12.45 -17.13
CA SER B 121 -18.78 -13.31 -15.98
C SER B 121 -20.26 -13.69 -15.89
N ILE B 122 -20.52 -14.99 -15.75
CA ILE B 122 -21.87 -15.51 -15.62
C ILE B 122 -22.14 -15.77 -14.14
N TYR B 123 -23.32 -15.36 -13.67
CA TYR B 123 -23.71 -15.50 -12.27
C TYR B 123 -24.96 -16.35 -12.18
N ASN B 124 -24.89 -17.42 -11.38
CA ASN B 124 -26.03 -18.30 -11.17
C ASN B 124 -26.92 -17.70 -10.08
N LEU B 125 -28.17 -17.41 -10.42
CA LEU B 125 -29.12 -16.84 -9.47
C LEU B 125 -29.98 -17.91 -8.79
N LYS B 126 -29.90 -19.16 -9.23
CA LYS B 126 -30.65 -20.24 -8.62
C LYS B 126 -29.70 -21.30 -8.07
N THR B 127 -28.89 -20.93 -7.10
CA THR B 127 -27.90 -21.83 -6.53
C THR B 127 -28.52 -22.68 -5.43
N ARG B 128 -27.72 -23.61 -4.88
CA ARG B 128 -28.22 -24.52 -3.86
C ARG B 128 -28.62 -23.77 -2.60
N GLU B 129 -27.66 -23.07 -1.98
CA GLU B 129 -27.89 -22.36 -0.72
C GLU B 129 -28.42 -20.95 -0.95
N GLY B 130 -29.15 -20.71 -2.04
CA GLY B 130 -29.60 -19.38 -2.39
C GLY B 130 -28.49 -18.35 -2.57
N ASN B 131 -27.23 -18.75 -2.42
CA ASN B 131 -26.12 -17.82 -2.59
C ASN B 131 -25.87 -17.54 -4.07
N VAL B 132 -25.55 -16.29 -4.39
CA VAL B 132 -25.15 -15.92 -5.74
C VAL B 132 -23.63 -16.01 -5.83
N ARG B 133 -23.14 -16.81 -6.77
CA ARG B 133 -21.71 -17.05 -6.90
C ARG B 133 -21.33 -17.04 -8.37
N VAL B 134 -20.12 -16.56 -8.64
CA VAL B 134 -19.62 -16.55 -10.02
C VAL B 134 -19.48 -17.98 -10.50
N SER B 135 -20.23 -18.33 -11.55
CA SER B 135 -20.23 -19.69 -12.07
C SER B 135 -19.53 -19.83 -13.42
N ARG B 136 -18.93 -18.76 -13.94
CA ARG B 136 -18.09 -18.88 -15.13
C ARG B 136 -17.47 -17.54 -15.49
N GLU B 137 -16.21 -17.56 -15.91
CA GLU B 137 -15.49 -16.37 -16.38
C GLU B 137 -15.02 -16.64 -17.80
N LEU B 138 -15.71 -16.06 -18.78
CA LEU B 138 -15.39 -16.29 -20.18
C LEU B 138 -14.24 -15.38 -20.59
N ALA B 139 -13.07 -15.97 -20.82
CA ALA B 139 -11.87 -15.22 -21.18
C ALA B 139 -11.50 -15.50 -22.63
N GLY B 140 -11.03 -14.46 -23.32
CA GLY B 140 -10.70 -14.59 -24.73
C GLY B 140 -10.55 -13.26 -25.44
N HIS B 141 -11.43 -12.31 -25.14
CA HIS B 141 -11.30 -10.98 -25.72
C HIS B 141 -10.01 -10.32 -25.26
N THR B 142 -9.34 -9.64 -26.19
CA THR B 142 -8.16 -8.85 -25.87
C THR B 142 -8.50 -7.40 -25.58
N GLY B 143 -9.79 -7.04 -25.55
CA GLY B 143 -10.22 -5.72 -25.17
C GLY B 143 -11.41 -5.82 -24.22
N TYR B 144 -11.91 -4.66 -23.82
CA TYR B 144 -12.99 -4.64 -22.83
C TYR B 144 -14.28 -5.22 -23.41
N LEU B 145 -15.19 -5.61 -22.51
CA LEU B 145 -16.48 -6.18 -22.88
C LEU B 145 -17.51 -5.06 -22.86
N SER B 146 -18.07 -4.76 -24.04
CA SER B 146 -18.98 -3.63 -24.18
C SER B 146 -20.45 -4.01 -24.01
N CYS B 147 -20.82 -5.23 -24.40
CA CYS B 147 -22.20 -5.67 -24.32
C CYS B 147 -22.23 -7.18 -24.41
N CYS B 148 -23.36 -7.76 -23.98
CA CYS B 148 -23.52 -9.21 -24.03
C CYS B 148 -24.99 -9.55 -23.85
N ARG B 149 -25.42 -10.65 -24.48
CA ARG B 149 -26.82 -11.06 -24.43
C ARG B 149 -26.91 -12.57 -24.54
N PHE B 150 -27.61 -13.20 -23.59
CA PHE B 150 -27.85 -14.63 -23.63
C PHE B 150 -28.73 -14.99 -24.81
N LEU B 151 -28.32 -16.02 -25.57
CA LEU B 151 -29.26 -16.69 -26.46
C LEU B 151 -30.15 -17.65 -25.67
N ASP B 152 -29.54 -18.42 -24.77
CA ASP B 152 -30.24 -19.21 -23.77
C ASP B 152 -29.34 -19.32 -22.55
N ASP B 153 -29.45 -20.41 -21.79
CA ASP B 153 -28.58 -20.60 -20.63
C ASP B 153 -27.21 -21.15 -20.99
N ASN B 154 -27.01 -21.61 -22.23
CA ASN B 154 -25.74 -22.19 -22.64
C ASN B 154 -25.03 -21.40 -23.72
N GLN B 155 -25.59 -20.29 -24.19
CA GLN B 155 -24.96 -19.50 -25.23
C GLN B 155 -25.13 -18.03 -24.92
N ILE B 156 -24.08 -17.25 -25.18
CA ILE B 156 -24.12 -15.81 -24.97
C ILE B 156 -23.25 -15.15 -26.05
N VAL B 157 -23.73 -14.03 -26.57
CA VAL B 157 -23.01 -13.22 -27.55
C VAL B 157 -22.42 -12.02 -26.84
N THR B 158 -21.20 -11.65 -27.21
CA THR B 158 -20.49 -10.56 -26.55
C THR B 158 -19.81 -9.69 -27.59
N SER B 159 -19.75 -8.39 -27.29
CA SER B 159 -19.04 -7.41 -28.10
C SER B 159 -17.93 -6.80 -27.25
N SER B 160 -16.80 -6.52 -27.89
CA SER B 160 -15.61 -6.10 -27.18
C SER B 160 -14.93 -4.93 -27.86
N GLY B 161 -14.19 -4.15 -27.07
CA GLY B 161 -13.33 -3.12 -27.61
C GLY B 161 -12.18 -3.64 -28.45
N ASP B 162 -11.95 -4.95 -28.46
CA ASP B 162 -10.92 -5.54 -29.30
C ASP B 162 -11.36 -5.66 -30.77
N THR B 163 -12.50 -5.08 -31.13
CA THR B 163 -12.97 -5.01 -32.51
C THR B 163 -13.90 -6.17 -32.87
N THR B 164 -13.93 -7.22 -32.05
CA THR B 164 -14.64 -8.43 -32.41
C THR B 164 -15.90 -8.60 -31.56
N CYS B 165 -16.73 -9.54 -31.99
CA CYS B 165 -17.82 -10.12 -31.22
C CYS B 165 -17.55 -11.61 -31.11
N ALA B 166 -18.33 -12.29 -30.27
CA ALA B 166 -18.13 -13.73 -30.13
C ALA B 166 -19.40 -14.40 -29.63
N LEU B 167 -19.58 -15.64 -30.05
CA LEU B 167 -20.57 -16.54 -29.47
C LEU B 167 -19.85 -17.50 -28.55
N TRP B 168 -20.39 -17.71 -27.36
CA TRP B 168 -19.72 -18.50 -26.33
C TRP B 168 -20.51 -19.75 -25.99
N ASP B 169 -19.77 -20.79 -25.60
CA ASP B 169 -20.34 -22.00 -25.02
C ASP B 169 -20.12 -21.90 -23.52
N ILE B 170 -21.15 -21.46 -22.80
CA ILE B 170 -21.00 -21.14 -21.39
C ILE B 170 -20.46 -22.34 -20.60
N GLU B 171 -20.84 -23.56 -21.00
CA GLU B 171 -20.37 -24.75 -20.30
C GLU B 171 -18.86 -24.91 -20.46
N THR B 172 -18.40 -25.09 -21.69
CA THR B 172 -16.97 -25.27 -21.94
C THR B 172 -16.18 -23.99 -21.76
N GLY B 173 -16.83 -22.84 -21.63
CA GLY B 173 -16.14 -21.58 -21.50
C GLY B 173 -15.33 -21.19 -22.71
N GLN B 174 -15.59 -21.80 -23.86
CA GLN B 174 -14.82 -21.58 -25.08
C GLN B 174 -15.62 -20.73 -26.06
N GLN B 175 -14.89 -20.00 -26.91
CA GLN B 175 -15.48 -19.16 -27.95
C GLN B 175 -15.88 -20.04 -29.12
N THR B 176 -17.17 -20.34 -29.22
CA THR B 176 -17.66 -21.14 -30.33
C THR B 176 -17.39 -20.46 -31.67
N THR B 177 -17.64 -19.16 -31.75
CA THR B 177 -17.55 -18.43 -33.01
C THR B 177 -17.03 -17.03 -32.77
N THR B 178 -16.17 -16.56 -33.67
CA THR B 178 -15.73 -15.18 -33.68
C THR B 178 -16.38 -14.43 -34.84
N PHE B 179 -16.68 -13.16 -34.62
CA PHE B 179 -17.30 -12.31 -35.63
C PHE B 179 -16.34 -11.15 -35.89
N THR B 180 -15.50 -11.30 -36.90
CA THR B 180 -14.48 -10.32 -37.23
C THR B 180 -14.93 -9.50 -38.44
N GLY B 181 -14.79 -8.18 -38.35
CA GLY B 181 -15.22 -7.31 -39.42
C GLY B 181 -15.09 -5.84 -39.10
N HIS B 182 -15.54 -5.43 -37.91
CA HIS B 182 -15.45 -4.03 -37.52
C HIS B 182 -13.98 -3.57 -37.50
N THR B 183 -13.80 -2.25 -37.57
CA THR B 183 -12.48 -1.64 -37.50
C THR B 183 -12.36 -0.67 -36.32
N GLY B 184 -13.28 -0.78 -35.35
CA GLY B 184 -13.26 0.06 -34.17
C GLY B 184 -13.90 -0.68 -33.02
N ASP B 185 -13.89 -0.06 -31.85
CA ASP B 185 -14.48 -0.68 -30.67
C ASP B 185 -15.95 -0.96 -30.92
N VAL B 186 -16.34 -2.23 -30.80
CA VAL B 186 -17.76 -2.59 -30.85
C VAL B 186 -18.41 -2.19 -29.53
N MET B 187 -19.49 -1.41 -29.61
CA MET B 187 -20.07 -0.76 -28.45
C MET B 187 -21.38 -1.36 -27.99
N SER B 188 -22.16 -1.96 -28.89
CA SER B 188 -23.48 -2.46 -28.54
C SER B 188 -23.84 -3.62 -29.44
N LEU B 189 -24.85 -4.38 -29.03
CA LEU B 189 -25.37 -5.45 -29.87
C LEU B 189 -26.81 -5.73 -29.47
N SER B 190 -27.58 -6.25 -30.44
CA SER B 190 -28.98 -6.58 -30.23
C SER B 190 -29.30 -7.86 -30.99
N LEU B 191 -30.04 -8.75 -30.34
CA LEU B 191 -30.41 -10.03 -30.93
C LEU B 191 -31.75 -9.93 -31.64
N ALA B 192 -31.81 -10.46 -32.86
CA ALA B 192 -33.07 -10.57 -33.57
C ALA B 192 -34.05 -11.38 -32.73
N PRO B 193 -35.36 -11.18 -32.94
CA PRO B 193 -36.34 -11.96 -32.17
C PRO B 193 -36.20 -13.46 -32.34
N ASP B 194 -35.62 -13.92 -33.45
CA ASP B 194 -35.42 -15.34 -33.69
C ASP B 194 -34.09 -15.86 -33.17
N THR B 195 -33.22 -14.99 -32.66
CA THR B 195 -31.90 -15.33 -32.14
C THR B 195 -31.01 -16.00 -33.18
N ARG B 196 -31.44 -16.06 -34.44
CA ARG B 196 -30.59 -16.57 -35.51
C ARG B 196 -29.70 -15.49 -36.12
N LEU B 197 -29.94 -14.23 -35.78
CA LEU B 197 -29.14 -13.12 -36.28
C LEU B 197 -28.95 -12.12 -35.15
N PHE B 198 -27.95 -11.24 -35.32
CA PHE B 198 -27.82 -10.10 -34.43
C PHE B 198 -27.05 -9.01 -35.15
N VAL B 199 -27.16 -7.79 -34.64
CA VAL B 199 -26.51 -6.62 -35.21
C VAL B 199 -25.63 -5.96 -34.16
N SER B 200 -24.52 -5.40 -34.61
CA SER B 200 -23.58 -4.72 -33.73
C SER B 200 -23.33 -3.31 -34.24
N GLY B 201 -22.94 -2.43 -33.31
CA GLY B 201 -22.61 -1.06 -33.65
C GLY B 201 -21.31 -0.62 -33.02
N ALA B 202 -20.34 -0.23 -33.84
CA ALA B 202 -18.98 0.03 -33.40
C ALA B 202 -18.61 1.49 -33.61
N CYS B 203 -17.41 1.85 -33.14
CA CYS B 203 -16.90 3.20 -33.25
C CYS B 203 -16.44 3.54 -34.66
N ASP B 204 -16.44 2.59 -35.58
CA ASP B 204 -16.15 2.88 -36.98
C ASP B 204 -17.35 3.48 -37.71
N ALA B 205 -18.38 3.89 -36.98
CA ALA B 205 -19.54 4.57 -37.53
C ALA B 205 -20.40 3.65 -38.40
N SER B 206 -20.41 2.36 -38.09
CA SER B 206 -21.13 1.39 -38.89
C SER B 206 -21.70 0.30 -38.00
N ALA B 207 -22.80 -0.29 -38.43
CA ALA B 207 -23.37 -1.46 -37.80
C ALA B 207 -23.43 -2.60 -38.80
N LYS B 208 -23.24 -3.81 -38.30
CA LYS B 208 -23.18 -5.00 -39.14
C LYS B 208 -24.22 -6.02 -38.70
N LEU B 209 -24.74 -6.78 -39.66
CA LEU B 209 -25.69 -7.84 -39.40
C LEU B 209 -24.98 -9.19 -39.51
N TRP B 210 -24.99 -9.95 -38.41
CA TRP B 210 -24.19 -11.16 -38.29
C TRP B 210 -25.08 -12.39 -38.31
N ASP B 211 -24.62 -13.43 -39.01
CA ASP B 211 -25.28 -14.72 -39.00
C ASP B 211 -24.82 -15.49 -37.77
N VAL B 212 -25.75 -15.81 -36.88
CA VAL B 212 -25.39 -16.41 -35.59
C VAL B 212 -24.77 -17.79 -35.78
N ARG B 213 -25.29 -18.58 -36.72
CA ARG B 213 -24.87 -19.96 -36.90
C ARG B 213 -23.70 -20.13 -37.86
N GLU B 214 -23.28 -19.06 -38.55
CA GLU B 214 -22.21 -19.19 -39.53
C GLU B 214 -21.06 -18.22 -39.32
N GLY B 215 -21.15 -17.30 -38.36
CA GLY B 215 -20.04 -16.40 -38.10
C GLY B 215 -19.65 -15.52 -39.26
N MET B 216 -20.58 -15.26 -40.18
CA MET B 216 -20.33 -14.42 -41.33
C MET B 216 -21.08 -13.10 -41.18
N CYS B 217 -20.45 -12.02 -41.65
CA CYS B 217 -21.14 -10.74 -41.76
C CYS B 217 -21.93 -10.73 -43.06
N ARG B 218 -23.25 -10.57 -42.96
CA ARG B 218 -24.10 -10.68 -44.14
C ARG B 218 -24.38 -9.33 -44.78
N GLN B 219 -24.52 -8.27 -43.98
CA GLN B 219 -24.78 -6.94 -44.51
C GLN B 219 -24.15 -5.90 -43.60
N THR B 220 -23.65 -4.83 -44.20
CA THR B 220 -23.06 -3.71 -43.48
C THR B 220 -23.89 -2.46 -43.74
N PHE B 221 -24.02 -1.64 -42.70
CA PHE B 221 -24.79 -0.40 -42.78
C PHE B 221 -23.93 0.78 -42.33
N THR B 222 -23.99 1.87 -43.10
CA THR B 222 -23.23 3.08 -42.80
C THR B 222 -24.17 4.27 -42.92
N GLY B 223 -23.63 5.47 -42.69
CA GLY B 223 -24.43 6.68 -42.72
C GLY B 223 -24.17 7.58 -41.53
N HIS B 224 -23.88 6.99 -40.37
CA HIS B 224 -23.56 7.78 -39.20
C HIS B 224 -22.21 8.46 -39.36
N GLU B 225 -22.07 9.64 -38.77
CA GLU B 225 -20.86 10.44 -38.85
C GLU B 225 -19.99 10.30 -37.62
N SER B 226 -20.37 9.45 -36.67
CA SER B 226 -19.64 9.29 -35.43
C SER B 226 -19.90 7.88 -34.89
N ASP B 227 -19.36 7.60 -33.71
CA ASP B 227 -19.49 6.28 -33.12
C ASP B 227 -20.96 5.95 -32.84
N ILE B 228 -21.30 4.67 -32.99
CA ILE B 228 -22.61 4.16 -32.63
C ILE B 228 -22.52 3.60 -31.23
N ASN B 229 -23.27 4.18 -30.29
CA ASN B 229 -23.23 3.74 -28.91
C ASN B 229 -24.36 2.79 -28.54
N ALA B 230 -25.44 2.76 -29.33
CA ALA B 230 -26.61 1.98 -28.96
C ALA B 230 -27.27 1.42 -30.22
N ILE B 231 -27.97 0.30 -30.06
CA ILE B 231 -28.60 -0.38 -31.18
C ILE B 231 -29.71 -1.26 -30.63
N CYS B 232 -30.75 -1.46 -31.44
N CYS B 232 -30.76 -1.44 -31.43
CA CYS B 232 -31.89 -2.28 -31.03
CA CYS B 232 -31.85 -2.33 -31.02
C CYS B 232 -32.69 -2.67 -32.26
C CYS B 232 -32.71 -2.66 -32.23
N PHE B 233 -33.25 -3.87 -32.23
CA PHE B 233 -34.07 -4.36 -33.33
C PHE B 233 -35.49 -3.81 -33.28
N PHE B 234 -36.07 -3.61 -34.46
CA PHE B 234 -37.49 -3.39 -34.55
C PHE B 234 -38.23 -4.67 -34.14
N PRO B 235 -39.35 -4.55 -33.42
CA PRO B 235 -39.98 -5.75 -32.83
C PRO B 235 -40.13 -6.94 -33.79
N ASN B 236 -40.31 -6.71 -35.09
CA ASN B 236 -40.53 -7.80 -36.02
C ASN B 236 -39.24 -8.36 -36.61
N GLY B 237 -38.08 -7.79 -36.24
CA GLY B 237 -36.80 -8.31 -36.65
C GLY B 237 -36.35 -7.96 -38.05
N ASN B 238 -37.14 -7.17 -38.79
CA ASN B 238 -36.79 -6.80 -40.16
C ASN B 238 -36.15 -5.41 -40.24
N ALA B 239 -35.80 -4.81 -39.11
CA ALA B 239 -35.18 -3.49 -39.11
C ALA B 239 -34.56 -3.26 -37.74
N PHE B 240 -33.75 -2.20 -37.64
CA PHE B 240 -33.18 -1.83 -36.34
C PHE B 240 -32.83 -0.36 -36.37
N ALA B 241 -32.65 0.20 -35.17
CA ALA B 241 -32.28 1.59 -35.00
C ALA B 241 -30.91 1.69 -34.35
N THR B 242 -30.29 2.86 -34.51
CA THR B 242 -28.95 3.11 -33.99
C THR B 242 -28.91 4.47 -33.33
N GLY B 243 -28.10 4.58 -32.28
CA GLY B 243 -27.85 5.85 -31.62
C GLY B 243 -26.37 6.19 -31.70
N SER B 244 -26.05 7.41 -32.13
CA SER B 244 -24.68 7.81 -32.38
C SER B 244 -24.31 9.04 -31.56
N ASP B 245 -22.99 9.25 -31.41
CA ASP B 245 -22.48 10.50 -30.86
C ASP B 245 -22.78 11.69 -31.75
N ASP B 246 -23.23 11.46 -32.98
CA ASP B 246 -23.53 12.56 -33.91
C ASP B 246 -24.90 13.18 -33.67
N ALA B 247 -25.54 12.87 -32.54
CA ALA B 247 -26.80 13.46 -32.10
C ALA B 247 -28.03 12.93 -32.83
N THR B 248 -27.89 11.88 -33.64
CA THR B 248 -29.01 11.35 -34.39
C THR B 248 -29.22 9.87 -34.09
N CYS B 249 -30.47 9.45 -34.09
CA CYS B 249 -30.84 8.06 -34.27
C CYS B 249 -31.11 7.80 -35.74
N ARG B 250 -31.03 6.52 -36.13
CA ARG B 250 -31.31 6.16 -37.51
C ARG B 250 -31.96 4.80 -37.55
N LEU B 251 -32.86 4.62 -38.52
CA LEU B 251 -33.55 3.37 -38.75
C LEU B 251 -32.99 2.74 -40.02
N PHE B 252 -32.76 1.43 -39.96
CA PHE B 252 -32.22 0.66 -41.08
C PHE B 252 -33.12 -0.53 -41.32
N ASP B 253 -33.46 -0.79 -42.58
CA ASP B 253 -34.27 -1.94 -42.96
C ASP B 253 -33.37 -2.98 -43.61
N LEU B 254 -33.59 -4.25 -43.24
CA LEU B 254 -32.70 -5.31 -43.67
C LEU B 254 -32.97 -5.72 -45.12
N ARG B 255 -34.24 -5.89 -45.48
CA ARG B 255 -34.56 -6.34 -46.84
C ARG B 255 -34.22 -5.26 -47.87
N ALA B 256 -34.43 -3.99 -47.53
CA ALA B 256 -34.05 -2.91 -48.42
C ALA B 256 -32.56 -2.58 -48.36
N ASP B 257 -31.86 -3.07 -47.34
CA ASP B 257 -30.40 -2.96 -47.23
C ASP B 257 -29.95 -1.51 -47.27
N GLN B 258 -30.60 -0.66 -46.47
CA GLN B 258 -30.26 0.76 -46.45
C GLN B 258 -31.06 1.45 -45.35
N GLU B 259 -30.79 2.73 -45.19
CA GLU B 259 -31.39 3.55 -44.15
C GLU B 259 -32.74 4.09 -44.58
N LEU B 260 -33.71 4.04 -43.67
CA LEU B 260 -35.05 4.52 -43.96
C LEU B 260 -35.31 5.93 -43.44
N MET B 261 -34.84 6.25 -42.24
CA MET B 261 -35.18 7.54 -41.63
C MET B 261 -34.06 7.98 -40.70
N THR B 262 -34.18 9.21 -40.20
CA THR B 262 -33.19 9.82 -39.32
C THR B 262 -33.91 10.70 -38.31
N TYR B 263 -33.69 10.43 -37.03
CA TYR B 263 -34.36 11.13 -35.94
C TYR B 263 -33.36 12.08 -35.30
N SER B 264 -33.55 13.37 -35.51
CA SER B 264 -32.63 14.39 -34.99
C SER B 264 -33.41 15.67 -34.76
N HIS B 265 -32.68 16.74 -34.45
CA HIS B 265 -33.30 18.01 -34.07
C HIS B 265 -32.22 19.06 -33.84
N ASP B 266 -32.42 20.27 -34.37
CA ASP B 266 -31.41 21.31 -34.25
C ASP B 266 -31.11 21.68 -32.80
N ASN B 267 -32.04 21.40 -31.88
CA ASN B 267 -31.83 21.68 -30.47
C ASN B 267 -31.13 20.54 -29.73
N ILE B 268 -31.04 19.36 -30.33
CA ILE B 268 -30.40 18.21 -29.70
C ILE B 268 -29.00 18.09 -30.28
N ILE B 269 -27.99 18.40 -29.47
CA ILE B 269 -26.60 18.33 -29.91
C ILE B 269 -25.78 17.30 -29.17
N CYS B 270 -26.19 16.88 -27.97
N CYS B 270 -26.22 16.85 -28.00
CA CYS B 270 -25.46 15.84 -27.27
CA CYS B 270 -25.50 15.83 -27.25
C CYS B 270 -25.61 14.50 -27.99
C CYS B 270 -25.76 14.44 -27.83
N GLY B 271 -24.84 13.51 -27.54
CA GLY B 271 -24.90 12.20 -28.14
C GLY B 271 -25.96 11.30 -27.53
N ILE B 272 -26.34 10.27 -28.29
CA ILE B 272 -27.31 9.27 -27.84
C ILE B 272 -26.56 8.10 -27.23
N THR B 273 -27.08 7.58 -26.11
CA THR B 273 -26.42 6.51 -25.37
C THR B 273 -27.17 5.19 -25.41
N SER B 274 -28.47 5.20 -25.66
CA SER B 274 -29.27 3.99 -25.62
C SER B 274 -30.53 4.18 -26.45
N VAL B 275 -31.01 3.10 -27.06
CA VAL B 275 -32.19 3.12 -27.91
C VAL B 275 -33.04 1.89 -27.62
N SER B 276 -34.35 2.07 -27.59
CA SER B 276 -35.29 0.97 -27.42
C SER B 276 -36.61 1.34 -28.08
N PHE B 277 -37.30 0.33 -28.59
CA PHE B 277 -38.59 0.50 -29.23
C PHE B 277 -39.73 0.23 -28.26
N SER B 278 -40.87 0.87 -28.50
CA SER B 278 -42.09 0.46 -27.82
C SER B 278 -42.54 -0.89 -28.35
N LYS B 279 -43.49 -1.51 -27.64
CA LYS B 279 -43.89 -2.87 -27.97
C LYS B 279 -44.28 -2.99 -29.44
N SER B 280 -45.14 -2.09 -29.93
CA SER B 280 -45.61 -2.16 -31.30
C SER B 280 -44.62 -1.59 -32.30
N GLY B 281 -43.53 -0.97 -31.84
CA GLY B 281 -42.57 -0.36 -32.73
C GLY B 281 -42.89 1.06 -33.12
N ARG B 282 -44.03 1.60 -32.70
CA ARG B 282 -44.41 2.94 -33.12
C ARG B 282 -43.52 4.01 -32.50
N LEU B 283 -42.97 3.75 -31.32
CA LEU B 283 -42.15 4.72 -30.61
C LEU B 283 -40.70 4.24 -30.56
N LEU B 284 -39.78 5.15 -30.85
CA LEU B 284 -38.35 4.90 -30.68
C LEU B 284 -37.88 5.78 -29.53
N LEU B 285 -37.46 5.17 -28.44
CA LEU B 285 -36.99 5.88 -27.27
C LEU B 285 -35.46 5.88 -27.25
N ALA B 286 -34.88 7.00 -26.83
CA ALA B 286 -33.43 7.15 -26.85
C ALA B 286 -33.02 8.01 -25.66
N GLY B 287 -32.06 7.50 -24.88
CA GLY B 287 -31.45 8.29 -23.83
C GLY B 287 -30.29 9.11 -24.36
N TYR B 288 -30.13 10.30 -23.80
CA TYR B 288 -29.19 11.27 -24.32
C TYR B 288 -28.20 11.73 -23.25
N ASP B 289 -27.07 12.23 -23.71
CA ASP B 289 -26.06 12.81 -22.82
C ASP B 289 -26.49 14.13 -22.21
N ASP B 290 -27.70 14.62 -22.50
CA ASP B 290 -28.19 15.87 -21.93
C ASP B 290 -29.15 15.64 -20.76
N PHE B 291 -29.18 14.44 -20.21
CA PHE B 291 -29.95 14.04 -19.04
C PHE B 291 -31.37 13.66 -19.43
N ASN B 292 -31.71 13.70 -20.71
CA ASN B 292 -33.08 13.49 -21.17
C ASN B 292 -33.23 12.14 -21.84
N CYS B 293 -34.47 11.71 -21.93
CA CYS B 293 -34.89 10.65 -22.84
C CYS B 293 -35.94 11.24 -23.77
N ASN B 294 -35.68 11.21 -25.07
CA ASN B 294 -36.63 11.70 -26.07
C ASN B 294 -37.38 10.54 -26.68
N VAL B 295 -38.70 10.70 -26.82
CA VAL B 295 -39.55 9.72 -27.46
C VAL B 295 -39.83 10.17 -28.88
N TRP B 296 -39.38 9.39 -29.85
CA TRP B 296 -39.58 9.69 -31.26
C TRP B 296 -40.72 8.87 -31.83
N ASP B 297 -41.50 9.49 -32.71
CA ASP B 297 -42.44 8.74 -33.56
C ASP B 297 -41.63 7.95 -34.58
N ALA B 298 -41.60 6.63 -34.44
CA ALA B 298 -40.75 5.82 -35.29
C ALA B 298 -41.09 5.99 -36.77
N LEU B 299 -42.39 6.09 -37.09
CA LEU B 299 -42.78 6.09 -38.50
C LEU B 299 -42.72 7.48 -39.12
N LYS B 300 -42.97 8.53 -38.34
CA LYS B 300 -43.06 9.89 -38.89
C LYS B 300 -41.87 10.78 -38.49
N ALA B 301 -40.99 10.32 -37.60
CA ALA B 301 -39.77 11.04 -37.23
C ALA B 301 -40.03 12.30 -36.43
N ASP B 302 -41.22 12.47 -35.88
CA ASP B 302 -41.48 13.58 -34.98
C ASP B 302 -41.01 13.23 -33.57
N ARG B 303 -40.84 14.26 -32.74
CA ARG B 303 -40.50 14.08 -31.33
C ARG B 303 -41.79 14.18 -30.52
N ALA B 304 -42.24 13.04 -29.99
CA ALA B 304 -43.54 12.98 -29.31
C ALA B 304 -43.47 13.45 -27.86
N GLY B 305 -42.36 13.22 -27.18
CA GLY B 305 -42.29 13.58 -25.76
C GLY B 305 -40.85 13.51 -25.26
N VAL B 306 -40.70 13.87 -23.99
CA VAL B 306 -39.39 13.95 -23.35
C VAL B 306 -39.53 13.47 -21.90
N LEU B 307 -38.76 12.44 -21.55
CA LEU B 307 -38.65 11.98 -20.17
C LEU B 307 -37.51 12.73 -19.51
N ALA B 308 -37.82 13.62 -18.57
CA ALA B 308 -36.84 14.51 -17.97
C ALA B 308 -36.89 14.35 -16.46
N GLY B 309 -36.00 13.50 -15.92
CA GLY B 309 -35.98 13.25 -14.49
C GLY B 309 -34.67 12.72 -13.95
N HIS B 310 -33.56 13.16 -14.55
CA HIS B 310 -32.23 12.74 -14.12
C HIS B 310 -31.32 13.95 -14.08
N ASP B 311 -30.44 13.99 -13.08
CA ASP B 311 -29.50 15.09 -12.93
C ASP B 311 -28.16 14.83 -13.63
N ASN B 312 -28.09 13.83 -14.49
CA ASN B 312 -26.87 13.52 -15.23
C ASN B 312 -27.24 12.57 -16.37
N ARG B 313 -26.24 12.22 -17.17
CA ARG B 313 -26.41 11.41 -18.37
C ARG B 313 -27.43 10.30 -18.18
N VAL B 314 -28.36 10.19 -19.13
CA VAL B 314 -29.17 8.98 -19.29
C VAL B 314 -28.29 7.99 -20.04
N SER B 315 -27.72 7.02 -19.33
CA SER B 315 -26.72 6.14 -19.91
C SER B 315 -27.33 4.86 -20.48
N CYS B 316 -28.56 4.53 -20.11
CA CYS B 316 -29.14 3.28 -20.54
C CYS B 316 -30.64 3.31 -20.27
N LEU B 317 -31.39 2.58 -21.09
CA LEU B 317 -32.82 2.42 -20.88
C LEU B 317 -33.25 1.08 -21.48
N GLY B 318 -34.44 0.64 -21.11
CA GLY B 318 -35.00 -0.57 -21.68
C GLY B 318 -36.50 -0.58 -21.52
N VAL B 319 -37.17 -1.23 -22.48
CA VAL B 319 -38.62 -1.37 -22.47
C VAL B 319 -38.94 -2.82 -22.16
N THR B 320 -39.93 -3.02 -21.29
CA THR B 320 -40.33 -4.37 -20.88
C THR B 320 -40.99 -5.12 -22.04
N ASP B 321 -41.00 -6.44 -21.94
CA ASP B 321 -41.58 -7.27 -22.99
C ASP B 321 -43.08 -7.05 -23.13
N ASP B 322 -43.76 -6.75 -22.03
CA ASP B 322 -45.19 -6.48 -22.06
C ASP B 322 -45.49 -5.02 -22.39
N GLY B 323 -44.47 -4.22 -22.68
CA GLY B 323 -44.62 -2.84 -23.09
C GLY B 323 -45.17 -1.90 -22.03
N MET B 324 -45.28 -2.34 -20.78
CA MET B 324 -45.96 -1.55 -19.76
C MET B 324 -45.15 -0.37 -19.25
N ALA B 325 -43.83 -0.39 -19.41
CA ALA B 325 -43.01 0.66 -18.80
C ALA B 325 -41.66 0.75 -19.48
N VAL B 326 -41.01 1.90 -19.31
CA VAL B 326 -39.63 2.12 -19.71
C VAL B 326 -38.80 2.39 -18.47
N ALA B 327 -37.59 1.83 -18.43
CA ALA B 327 -36.65 2.08 -17.37
C ALA B 327 -35.48 2.91 -17.91
N THR B 328 -35.07 3.92 -17.16
CA THR B 328 -33.95 4.76 -17.52
C THR B 328 -32.87 4.65 -16.46
N GLY B 329 -31.64 4.38 -16.90
CA GLY B 329 -30.47 4.41 -16.03
C GLY B 329 -29.68 5.69 -16.27
N SER B 330 -29.10 6.23 -15.20
CA SER B 330 -28.48 7.54 -15.27
C SER B 330 -27.18 7.55 -14.48
N TRP B 331 -26.31 8.50 -14.84
CA TRP B 331 -25.07 8.76 -14.13
C TRP B 331 -25.31 9.33 -12.73
N ASP B 332 -26.55 9.67 -12.40
CA ASP B 332 -26.88 10.23 -11.10
C ASP B 332 -27.13 9.18 -10.03
N SER B 333 -26.91 7.90 -10.34
CA SER B 333 -27.03 6.78 -9.40
C SER B 333 -28.36 6.05 -9.50
N PHE B 334 -29.36 6.65 -10.14
CA PHE B 334 -30.74 6.20 -10.02
C PHE B 334 -31.24 5.53 -11.30
N LEU B 335 -32.18 4.61 -11.12
CA LEU B 335 -33.02 4.10 -12.18
C LEU B 335 -34.45 4.55 -11.91
N LYS B 336 -35.16 4.94 -12.98
CA LYS B 336 -36.56 5.32 -12.86
C LYS B 336 -37.40 4.51 -13.84
N ILE B 337 -38.66 4.29 -13.46
CA ILE B 337 -39.62 3.54 -14.27
C ILE B 337 -40.74 4.49 -14.68
N TRP B 338 -41.00 4.57 -15.98
CA TRP B 338 -41.98 5.50 -16.53
C TRP B 338 -43.12 4.76 -17.21
N ASN B 339 -44.28 5.40 -17.23
CA ASN B 339 -45.38 5.02 -18.13
C ASN B 339 -46.60 5.95 -17.95
N SER C 3 -1.78 -8.36 -45.38
CA SER C 3 -1.40 -7.42 -46.44
C SER C 3 -2.19 -7.68 -47.71
N ILE C 4 -1.87 -8.80 -48.38
CA ILE C 4 -2.64 -9.19 -49.56
C ILE C 4 -3.75 -10.17 -49.20
N ALA C 5 -3.45 -11.13 -48.33
CA ALA C 5 -4.49 -12.05 -47.89
C ALA C 5 -5.62 -11.33 -47.16
N GLN C 6 -5.36 -10.12 -46.65
CA GLN C 6 -6.37 -9.30 -46.00
C GLN C 6 -7.19 -8.48 -47.01
N ALA C 7 -6.50 -7.79 -47.93
CA ALA C 7 -7.21 -7.07 -48.98
C ALA C 7 -7.97 -8.03 -49.88
N ARG C 8 -7.45 -9.24 -50.08
CA ARG C 8 -8.19 -10.26 -50.79
C ARG C 8 -9.36 -10.75 -49.95
N LYS C 9 -9.16 -10.93 -48.64
CA LYS C 9 -10.25 -11.29 -47.76
C LYS C 9 -11.36 -10.26 -47.80
N LEU C 10 -11.03 -9.00 -48.09
CA LEU C 10 -12.05 -7.95 -48.10
C LEU C 10 -12.93 -8.04 -49.34
N VAL C 11 -12.33 -8.05 -50.53
CA VAL C 11 -13.12 -8.06 -51.75
C VAL C 11 -14.00 -9.28 -51.81
N GLU C 12 -13.56 -10.40 -51.22
CA GLU C 12 -14.41 -11.59 -51.17
C GLU C 12 -15.60 -11.34 -50.26
N GLN C 13 -15.40 -10.63 -49.15
CA GLN C 13 -16.51 -10.30 -48.26
C GLN C 13 -17.51 -9.40 -48.96
N LEU C 14 -17.03 -8.36 -49.64
CA LEU C 14 -17.94 -7.46 -50.34
C LEU C 14 -18.77 -8.20 -51.37
N LYS C 15 -18.21 -9.24 -52.00
CA LYS C 15 -19.00 -10.04 -52.93
C LYS C 15 -20.22 -10.65 -52.24
N MET C 16 -20.06 -11.12 -51.01
CA MET C 16 -21.20 -11.66 -50.28
C MET C 16 -22.25 -10.60 -50.00
N GLU C 17 -21.83 -9.36 -49.74
CA GLU C 17 -22.78 -8.30 -49.44
C GLU C 17 -23.39 -7.73 -50.71
N ALA C 18 -22.61 -7.60 -51.78
CA ALA C 18 -23.15 -7.09 -53.03
C ALA C 18 -24.17 -8.06 -53.63
N ASN C 19 -23.90 -9.37 -53.54
CA ASN C 19 -24.77 -10.38 -54.13
C ASN C 19 -25.79 -10.84 -53.09
N ILE C 20 -26.84 -10.02 -52.94
CA ILE C 20 -27.96 -10.35 -52.07
C ILE C 20 -29.22 -9.77 -52.69
N ASP C 21 -30.37 -10.24 -52.21
CA ASP C 21 -31.65 -9.75 -52.69
C ASP C 21 -32.10 -8.55 -51.87
N ARG C 22 -32.60 -7.53 -52.57
CA ARG C 22 -33.06 -6.30 -51.94
C ARG C 22 -34.46 -5.99 -52.43
N ILE C 23 -35.34 -5.65 -51.50
CA ILE C 23 -36.69 -5.24 -51.86
C ILE C 23 -36.70 -3.73 -52.03
N LYS C 24 -37.81 -3.19 -52.52
CA LYS C 24 -37.95 -1.75 -52.64
C LYS C 24 -38.20 -1.13 -51.27
N VAL C 25 -37.66 0.08 -51.08
CA VAL C 25 -37.92 0.80 -49.84
C VAL C 25 -39.43 0.99 -49.64
N SER C 26 -40.17 1.18 -50.74
CA SER C 26 -41.60 1.40 -50.63
C SER C 26 -42.31 0.18 -50.03
N LYS C 27 -41.87 -1.02 -50.42
CA LYS C 27 -42.45 -2.22 -49.83
C LYS C 27 -41.97 -2.42 -48.38
N ALA C 28 -40.67 -2.25 -48.14
CA ALA C 28 -40.16 -2.40 -46.78
C ALA C 28 -40.84 -1.43 -45.83
N ALA C 29 -41.07 -0.19 -46.29
CA ALA C 29 -41.68 0.82 -45.42
C ALA C 29 -43.12 0.49 -45.10
N ALA C 30 -43.85 -0.07 -46.07
CA ALA C 30 -45.24 -0.43 -45.83
C ALA C 30 -45.36 -1.57 -44.84
N ASP C 31 -44.45 -2.55 -44.91
CA ASP C 31 -44.46 -3.64 -43.94
C ASP C 31 -44.31 -3.10 -42.52
N LEU C 32 -43.37 -2.18 -42.31
CA LEU C 32 -43.21 -1.57 -41.00
C LEU C 32 -44.49 -0.86 -40.56
N MET C 33 -45.01 0.03 -41.42
CA MET C 33 -46.24 0.75 -41.08
C MET C 33 -47.38 -0.22 -40.79
N ALA C 34 -47.44 -1.33 -41.54
CA ALA C 34 -48.50 -2.30 -41.28
C ALA C 34 -48.28 -3.01 -39.94
N TYR C 35 -47.03 -3.32 -39.60
CA TYR C 35 -46.76 -3.93 -38.30
C TYR C 35 -47.21 -3.02 -37.17
N CYS C 36 -46.84 -1.74 -37.24
CA CYS C 36 -47.25 -0.80 -36.20
C CYS C 36 -48.77 -0.75 -36.08
N GLU C 37 -49.46 -0.62 -37.21
CA GLU C 37 -50.92 -0.55 -37.18
C GLU C 37 -51.52 -1.79 -36.54
N ALA C 38 -51.00 -2.97 -36.89
CA ALA C 38 -51.54 -4.23 -36.38
C ALA C 38 -51.33 -4.40 -34.88
N HIS C 39 -50.49 -3.57 -34.26
CA HIS C 39 -50.19 -3.73 -32.84
C HIS C 39 -50.38 -2.44 -32.04
N ALA C 40 -50.93 -1.39 -32.64
CA ALA C 40 -51.13 -0.15 -31.91
C ALA C 40 -51.95 -0.37 -30.64
N LYS C 41 -52.89 -1.31 -30.67
CA LYS C 41 -53.75 -1.56 -29.51
C LYS C 41 -53.00 -2.25 -28.38
N GLU C 42 -51.91 -2.94 -28.67
CA GLU C 42 -51.15 -3.65 -27.65
C GLU C 42 -50.01 -2.83 -27.07
N ASP C 43 -49.87 -1.56 -27.47
CA ASP C 43 -48.74 -0.75 -27.03
C ASP C 43 -49.16 0.13 -25.87
N PRO C 44 -48.81 -0.22 -24.63
CA PRO C 44 -49.24 0.60 -23.48
C PRO C 44 -48.52 1.94 -23.39
N LEU C 45 -47.38 2.10 -24.06
CA LEU C 45 -46.71 3.40 -24.09
C LEU C 45 -47.31 4.32 -25.15
N LEU C 46 -48.02 3.75 -26.13
CA LEU C 46 -48.64 4.56 -27.16
C LEU C 46 -49.71 5.48 -26.57
N THR C 47 -50.58 4.93 -25.74
CA THR C 47 -51.58 5.70 -25.02
C THR C 47 -51.75 5.09 -23.65
N PRO C 48 -51.89 5.91 -22.60
CA PRO C 48 -51.98 5.35 -21.25
C PRO C 48 -53.06 4.28 -21.12
N VAL C 49 -52.89 3.37 -20.17
CA VAL C 49 -53.87 2.30 -19.97
C VAL C 49 -54.59 2.53 -18.65
N PRO C 50 -55.77 1.96 -18.45
CA PRO C 50 -56.46 2.11 -17.16
C PRO C 50 -55.54 1.75 -16.01
N ALA C 51 -55.61 2.55 -14.93
CA ALA C 51 -54.76 2.32 -13.78
C ALA C 51 -54.93 0.91 -13.23
N SER C 52 -56.11 0.30 -13.44
CA SER C 52 -56.33 -1.05 -12.94
C SER C 52 -55.48 -2.07 -13.70
N GLU C 53 -55.19 -1.81 -14.96
CA GLU C 53 -54.34 -2.67 -15.77
C GLU C 53 -52.87 -2.28 -15.69
N ASN C 54 -52.53 -1.27 -14.89
CA ASN C 54 -51.17 -0.77 -14.81
C ASN C 54 -50.48 -1.35 -13.59
N PRO C 55 -49.46 -2.20 -13.75
CA PRO C 55 -48.81 -2.78 -12.56
C PRO C 55 -48.15 -1.74 -11.68
N PHE C 56 -47.63 -0.67 -12.27
CA PHE C 56 -46.94 0.37 -11.52
C PHE C 56 -47.89 1.44 -10.98
N ARG C 57 -49.17 1.32 -11.28
CA ARG C 57 -50.24 2.05 -10.60
C ARG C 57 -51.09 1.05 -9.83
N GLU C 58 -52.12 1.57 -9.16
CA GLU C 58 -53.00 0.71 -8.36
C GLU C 58 -53.40 -0.54 -9.14
N LYS C 59 -52.92 -1.70 -8.69
CA LYS C 59 -53.23 -2.97 -9.34
C LYS C 59 -52.64 -4.15 -8.57
C02 W4G D . 26.89 15.39 32.88
C03 W4G D . 26.32 14.04 32.81
C04 W4G D . 25.52 13.58 33.83
C05 W4G D . 24.98 12.32 33.76
C06 W4G D . 25.26 11.53 32.67
C07 W4G D . 26.06 11.99 31.66
C08 W4G D . 26.60 13.25 31.73
C10 W4G D . 27.89 14.88 30.78
C12 W4G D . 28.27 17.04 31.77
C13 W4G D . 27.36 17.90 30.97
C14 W4G D . 27.55 18.03 29.62
C15 W4G D . 26.70 18.83 28.88
C16 W4G D . 25.66 19.49 29.50
C17 W4G D . 25.47 19.34 30.85
C18 W4G D . 26.32 18.55 31.58
C19 W4G D . 24.66 10.22 32.59
C20 W4G D . 23.96 9.44 33.53
C23 W4G D . 24.67 9.44 31.44
N09 W4G D . 27.41 13.68 30.68
N11 W4G D . 27.68 15.73 31.81
N21 W4G D . 23.56 8.27 33.03
N22 W4G D . 24.00 8.30 31.77
O01 W4G D . 26.64 16.10 33.86
H041 W4G D . 25.30 14.23 34.68
H051 W4G D . 24.34 11.96 34.55
H071 W4G D . 26.27 11.36 30.81
H101 W4G D . 28.54 15.29 29.99
H122 W4G D . 28.37 17.42 32.79
H121 W4G D . 29.26 16.97 31.30
H141 W4G D . 28.37 17.52 29.13
H151 W4G D . 26.85 18.94 27.81
H161 W4G D . 24.99 20.10 28.91
H171 W4G D . 24.65 19.85 31.33
H181 W4G D . 26.17 18.44 32.65
H201 W4G D . 23.73 9.68 34.56
H231 W4G D . 25.08 9.60 30.46
H221 W4G D . 23.81 7.51 31.17
#